data_5TQY
#
_entry.id   5TQY
#
_cell.length_a   1
_cell.length_b   1
_cell.length_c   1
_cell.angle_alpha   90.00
_cell.angle_beta   90.00
_cell.angle_gamma   90.00
#
_symmetry.space_group_name_H-M   'P 1'
#
_entity_poly.entity_id   1
_entity_poly.type   'polypeptide(L)'
_entity_poly.pdbx_seq_one_letter_code
;DPEFGAGGPWEMRERLGTGGFGNVCLYQHRELDLKIAIKSCRLELSTKNRERWCHEIQIMKKLNHANVVKACDVPEELNI
LIHDVPLLAMEYCSGGDLRKLLNKPENCCGLKESQILSLLSDIGSGIRYLHENKIIHRDLKPENIVLQDVGGKIIHKIID
LGYAKDVDQGELCTEFVGTLQYLAPELFENKPYTATVDYWSFGTMVFECIAGYRPFLHHLQPFTWHEKIKKKDPKCIFAC
EEMSGEVRFSSHLPQPNSLCSLIVEPMENWLQLMLNWDPQQRGGPVDLTLKQPRCFVLMDHILNLKIVHILNMTSAKIIS
FLLPPDESLHSLQSRIERETGINTGSQELLSETGISLDPRKPASQCVLDGVRGCDSYMVYLFDKSKTVYEGPFASRSLSD
CVNYIVQDSKIQLPIIQLRKVWAEAVHYVSGLKEDYSRLFQGQRAAMLSLLRYNANLTKMKNTLISASQQLKAKLEFFHK
SIQLDLERYSEQMTYGISSEKMLKAWKEMEEKAIHYAEVGVIGYLEDQIMSLHAEIMELQKSPYGRRQGDLMESLEQRAI
DLYKQLKHRPSDHSYSDSTEMVKIIVHTVQSQDRVLKELFGHLSKLLGCKQKIIDLLPKVEVALSNIKEADNTVMFMQGK
RQKEIWHLLKIACTQ
;
_entity_poly.pdbx_strand_id   A,B
#
# COMPACT_ATOMS: atom_id res chain seq x y z
N PRO A 9 -16.74 44.96 24.75
CA PRO A 9 -16.12 44.84 23.42
C PRO A 9 -16.62 43.64 22.64
N TRP A 10 -17.95 43.54 22.52
CA TRP A 10 -18.57 42.40 21.85
C TRP A 10 -19.89 42.82 21.25
N GLU A 11 -20.48 41.92 20.46
CA GLU A 11 -21.69 42.21 19.71
C GLU A 11 -22.67 41.06 19.87
N MET A 12 -23.84 41.23 19.25
CA MET A 12 -24.83 40.16 19.21
C MET A 12 -24.34 39.07 18.27
N ARG A 13 -24.29 37.84 18.77
CA ARG A 13 -23.83 36.74 17.94
C ARG A 13 -24.93 36.26 17.01
N GLU A 14 -26.05 35.81 17.56
CA GLU A 14 -27.16 35.31 16.76
C GLU A 14 -28.44 35.38 17.57
N ARG A 15 -29.54 35.75 16.91
CA ARG A 15 -30.84 35.72 17.55
C ARG A 15 -31.27 34.29 17.82
N LEU A 16 -31.34 33.92 19.10
CA LEU A 16 -31.61 32.53 19.46
C LEU A 16 -33.06 32.14 19.18
N GLY A 17 -34.00 32.86 19.79
CA GLY A 17 -35.40 32.52 19.61
C GLY A 17 -36.35 33.67 19.92
N THR A 18 -37.55 33.32 20.36
CA THR A 18 -38.59 34.30 20.64
C THR A 18 -39.13 34.04 22.04
N GLY A 19 -40.11 34.83 22.44
CA GLY A 19 -40.73 34.64 23.73
C GLY A 19 -41.79 35.70 23.98
N GLY A 20 -42.50 35.51 25.10
CA GLY A 20 -43.56 36.45 25.45
C GLY A 20 -43.02 37.79 25.88
N PHE A 21 -41.89 37.79 26.60
CA PHE A 21 -41.22 39.05 26.90
C PHE A 21 -40.55 39.63 25.66
N GLY A 22 -40.14 38.75 24.74
CA GLY A 22 -39.57 39.21 23.49
C GLY A 22 -38.60 38.19 22.94
N ASN A 23 -37.89 38.59 21.90
CA ASN A 23 -36.99 37.67 21.21
C ASN A 23 -35.73 37.43 22.02
N VAL A 24 -35.15 36.25 21.83
CA VAL A 24 -33.96 35.83 22.54
C VAL A 24 -32.78 35.95 21.59
N CYS A 25 -31.71 36.60 22.03
CA CYS A 25 -30.50 36.74 21.25
C CYS A 25 -29.32 36.13 21.99
N LEU A 26 -28.74 35.09 21.37
CA LEU A 26 -27.53 34.47 21.90
C LEU A 26 -26.34 35.38 21.58
N TYR A 27 -25.55 35.67 22.59
CA TYR A 27 -24.41 36.57 22.46
C TYR A 27 -23.11 35.76 22.49
N GLN A 28 -22.04 36.38 21.99
CA GLN A 28 -20.70 35.79 22.11
C GLN A 28 -19.67 36.92 21.99
N HIS A 29 -18.66 36.89 22.86
CA HIS A 29 -17.51 37.79 22.78
C HIS A 29 -16.36 37.04 22.12
N ARG A 30 -16.12 37.36 20.83
CA ARG A 30 -15.17 36.61 20.00
C ARG A 30 -13.76 36.54 20.59
N GLU A 31 -13.36 37.56 21.35
CA GLU A 31 -12.09 37.51 22.06
C GLU A 31 -12.15 36.61 23.28
N LEU A 32 -13.34 36.33 23.82
CA LEU A 32 -13.46 35.57 25.06
C LEU A 32 -14.51 34.47 25.04
N ASP A 33 -15.30 34.34 23.96
CA ASP A 33 -16.37 33.34 23.79
C ASP A 33 -17.42 33.44 24.92
N LEU A 34 -17.82 34.67 25.24
CA LEU A 34 -18.79 34.92 26.31
C LEU A 34 -20.17 34.57 25.80
N LYS A 35 -20.49 33.28 25.82
CA LYS A 35 -21.80 32.83 25.35
C LYS A 35 -22.86 33.08 26.41
N ILE A 36 -23.95 33.73 26.02
CA ILE A 36 -25.13 33.87 26.86
C ILE A 36 -26.33 34.13 25.98
N ALA A 37 -27.43 33.45 26.29
CA ALA A 37 -28.72 33.75 25.70
C ALA A 37 -29.42 34.81 26.53
N ILE A 38 -29.83 35.89 25.88
CA ILE A 38 -30.53 36.97 26.54
C ILE A 38 -31.84 37.19 25.81
N LYS A 39 -32.95 36.94 26.51
CA LYS A 39 -34.26 37.27 25.98
C LYS A 39 -34.44 38.78 26.03
N SER A 40 -34.43 39.42 24.88
CA SER A 40 -34.59 40.87 24.78
C SER A 40 -36.07 41.22 24.91
N CYS A 41 -36.34 42.52 24.92
CA CYS A 41 -37.71 43.01 24.96
C CYS A 41 -38.13 43.43 23.55
N ARG A 42 -39.08 42.70 22.99
CA ARG A 42 -39.57 42.99 21.65
C ARG A 42 -41.08 43.15 21.65
N LEU A 43 -41.74 42.54 22.62
CA LEU A 43 -43.20 42.49 22.65
C LEU A 43 -43.83 43.65 23.39
N GLU A 44 -43.03 44.47 24.08
CA GLU A 44 -43.49 45.56 24.96
C GLU A 44 -44.51 45.06 25.98
N LEU A 45 -44.03 44.17 26.84
CA LEU A 45 -44.90 43.34 27.68
C LEU A 45 -45.55 44.19 28.77
N SER A 46 -46.76 43.79 29.15
CA SER A 46 -47.47 44.46 30.22
C SER A 46 -46.74 44.28 31.55
N THR A 47 -46.89 45.28 32.42
CA THR A 47 -46.07 45.36 33.63
C THR A 47 -46.40 44.27 34.63
N LYS A 48 -47.61 43.71 34.55
CA LYS A 48 -47.93 42.54 35.37
C LYS A 48 -47.10 41.33 34.93
N ASN A 49 -47.08 41.05 33.63
CA ASN A 49 -46.23 39.98 33.12
C ASN A 49 -44.76 40.39 33.04
N ARG A 50 -44.44 41.69 33.18
CA ARG A 50 -43.04 42.06 33.37
C ARG A 50 -42.56 41.70 34.77
N GLU A 51 -43.40 41.95 35.78
CA GLU A 51 -43.09 41.50 37.13
C GLU A 51 -43.05 39.98 37.21
N ARG A 52 -43.96 39.31 36.49
CA ARG A 52 -43.90 37.85 36.39
C ARG A 52 -42.69 37.40 35.58
N TRP A 53 -42.19 38.26 34.68
CA TRP A 53 -40.98 37.93 33.94
C TRP A 53 -39.75 37.99 34.83
N CYS A 54 -39.70 38.97 35.73
CA CYS A 54 -38.59 39.01 36.68
C CYS A 54 -38.74 37.92 37.74
N HIS A 55 -39.98 37.50 38.01
CA HIS A 55 -40.20 36.28 38.78
C HIS A 55 -39.60 35.09 38.07
N GLU A 56 -39.77 35.03 36.75
CA GLU A 56 -39.16 33.97 35.95
C GLU A 56 -37.64 34.10 35.92
N ILE A 57 -37.13 35.32 36.10
CA ILE A 57 -35.68 35.51 36.25
C ILE A 57 -35.21 34.91 37.57
N GLN A 58 -35.97 35.14 38.65
CA GLN A 58 -35.58 34.62 39.95
C GLN A 58 -35.72 33.11 40.01
N ILE A 59 -36.65 32.54 39.24
CA ILE A 59 -36.86 31.10 39.26
C ILE A 59 -35.87 30.39 38.34
N MET A 60 -35.60 30.99 37.17
CA MET A 60 -34.62 30.39 36.26
C MET A 60 -33.19 30.54 36.75
N LYS A 61 -32.89 31.65 37.43
CA LYS A 61 -31.61 31.74 38.10
C LYS A 61 -31.62 30.93 39.40
N LYS A 62 -32.81 30.66 39.92
CA LYS A 62 -32.98 29.69 40.99
C LYS A 62 -32.92 28.28 40.44
N LEU A 98 -33.44 20.84 19.34
CA LEU A 98 -33.59 19.40 19.16
C LEU A 98 -34.44 19.11 17.95
N ARG A 99 -35.45 19.95 17.74
CA ARG A 99 -36.31 19.82 16.56
C ARG A 99 -35.52 20.02 15.28
N LYS A 100 -34.45 20.83 15.34
CA LYS A 100 -33.48 20.93 14.25
C LYS A 100 -32.86 19.58 13.93
N LEU A 101 -32.45 18.84 14.96
CA LEU A 101 -31.88 17.52 14.74
C LEU A 101 -32.95 16.55 14.27
N LEU A 102 -34.19 16.76 14.71
CA LEU A 102 -35.30 15.94 14.27
C LEU A 102 -35.58 16.11 12.80
N ASN A 103 -35.38 17.31 12.27
CA ASN A 103 -35.70 17.55 10.88
C ASN A 103 -34.55 17.18 9.94
N LYS A 104 -33.46 16.66 10.48
CA LYS A 104 -32.43 16.05 9.65
C LYS A 104 -32.99 14.81 8.97
N PRO A 105 -32.79 14.65 7.64
CA PRO A 105 -33.43 13.55 6.90
C PRO A 105 -33.00 12.16 7.33
N GLU A 106 -31.79 12.05 7.89
CA GLU A 106 -31.40 10.80 8.53
C GLU A 106 -32.29 10.53 9.74
N ASN A 107 -32.58 11.58 10.51
CA ASN A 107 -33.28 11.38 11.76
C ASN A 107 -34.79 11.28 11.58
N CYS A 108 -35.31 11.58 10.39
CA CYS A 108 -36.75 11.61 10.19
C CYS A 108 -37.38 10.22 10.28
N CYS A 109 -36.58 9.17 10.13
CA CYS A 109 -37.01 7.80 10.31
C CYS A 109 -37.30 7.49 11.77
N GLY A 110 -36.56 8.10 12.68
CA GLY A 110 -36.53 7.79 14.09
C GLY A 110 -35.10 7.82 14.62
N LEU A 111 -34.97 7.92 15.93
CA LEU A 111 -33.65 8.10 16.50
C LEU A 111 -33.02 6.77 16.86
N LYS A 112 -31.77 6.83 17.32
CA LYS A 112 -31.06 5.65 17.74
C LYS A 112 -31.56 5.17 19.09
N GLU A 113 -31.07 3.98 19.47
CA GLU A 113 -31.45 3.37 20.73
C GLU A 113 -30.92 4.19 21.91
N SER A 114 -29.60 4.30 22.00
CA SER A 114 -28.95 5.01 23.09
C SER A 114 -29.26 6.50 23.09
N GLN A 115 -29.63 7.07 21.95
CA GLN A 115 -30.07 8.46 21.93
C GLN A 115 -31.39 8.63 22.67
N ILE A 116 -32.34 7.74 22.40
CA ILE A 116 -33.63 7.79 23.07
C ILE A 116 -33.48 7.46 24.54
N LEU A 117 -32.58 6.52 24.86
CA LEU A 117 -32.30 6.16 26.24
C LEU A 117 -31.70 7.33 27.01
N SER A 118 -30.70 7.98 26.43
CA SER A 118 -30.09 9.15 27.06
C SER A 118 -31.07 10.30 27.14
N LEU A 119 -32.04 10.35 26.23
CA LEU A 119 -33.10 11.34 26.32
C LEU A 119 -33.99 11.05 27.51
N LEU A 120 -34.27 9.76 27.75
CA LEU A 120 -35.04 9.36 28.92
C LEU A 120 -34.29 9.68 30.20
N SER A 121 -32.96 9.58 30.16
CA SER A 121 -32.17 9.87 31.35
C SER A 121 -32.14 11.36 31.64
N ASP A 122 -31.78 12.17 30.64
CA ASP A 122 -31.66 13.61 30.85
C ASP A 122 -33.02 14.23 31.13
N ILE A 123 -34.00 13.94 30.28
CA ILE A 123 -35.28 14.62 30.40
C ILE A 123 -36.12 13.97 31.49
N GLY A 124 -35.99 12.66 31.66
CA GLY A 124 -36.64 11.96 32.75
C GLY A 124 -36.17 12.45 34.10
N SER A 125 -34.85 12.46 34.29
CA SER A 125 -34.26 12.99 35.51
C SER A 125 -34.56 14.47 35.70
N GLY A 126 -34.61 15.22 34.59
CA GLY A 126 -34.88 16.64 34.68
C GLY A 126 -36.28 16.93 35.15
N ILE A 127 -37.27 16.23 34.60
CA ILE A 127 -38.64 16.48 35.05
C ILE A 127 -38.90 15.87 36.41
N ARG A 128 -38.12 14.85 36.81
CA ARG A 128 -38.18 14.41 38.20
C ARG A 128 -37.71 15.52 39.12
N TYR A 129 -36.61 16.19 38.74
CA TYR A 129 -36.10 17.32 39.51
C TYR A 129 -37.10 18.47 39.52
N LEU A 130 -37.78 18.70 38.41
CA LEU A 130 -38.74 19.80 38.33
C LEU A 130 -40.00 19.50 39.12
N HIS A 131 -40.41 18.24 39.16
CA HIS A 131 -41.58 17.88 39.96
C HIS A 131 -41.23 17.82 41.43
N GLU A 132 -39.95 17.71 41.75
CA GLU A 132 -39.54 17.96 43.12
C GLU A 132 -39.61 19.44 43.45
N ASN A 133 -39.38 20.31 42.47
CA ASN A 133 -39.40 21.75 42.69
C ASN A 133 -40.79 22.36 42.48
N LYS A 134 -41.84 21.53 42.37
CA LYS A 134 -43.23 21.95 42.15
C LYS A 134 -43.39 22.79 40.88
N ILE A 135 -42.68 22.42 39.82
CA ILE A 135 -42.63 23.22 38.61
C ILE A 135 -43.44 22.50 37.52
N ILE A 136 -44.34 23.24 36.88
CA ILE A 136 -45.01 22.78 35.67
C ILE A 136 -44.64 23.76 34.55
N HIS A 137 -43.90 23.28 33.56
CA HIS A 137 -43.36 24.14 32.51
C HIS A 137 -44.47 24.61 31.57
N ARG A 138 -45.42 23.71 31.26
CA ARG A 138 -46.49 23.84 30.26
C ARG A 138 -45.97 24.04 28.84
N ASP A 139 -44.67 23.83 28.61
CA ASP A 139 -44.08 24.23 27.34
C ASP A 139 -43.09 23.17 26.87
N LEU A 140 -43.48 21.90 26.95
CA LEU A 140 -42.59 20.81 26.62
C LEU A 140 -42.58 20.61 25.11
N LYS A 141 -41.42 20.78 24.48
CA LYS A 141 -41.25 20.63 23.04
C LYS A 141 -39.77 20.46 22.77
N PRO A 142 -39.39 19.82 21.64
CA PRO A 142 -37.96 19.73 21.31
C PRO A 142 -37.34 21.06 20.98
N GLU A 143 -38.17 22.04 20.63
CA GLU A 143 -37.71 23.41 20.49
C GLU A 143 -37.28 24.00 21.83
N ASN A 144 -37.73 23.42 22.94
CA ASN A 144 -37.25 23.80 24.27
C ASN A 144 -36.20 22.85 24.81
N ILE A 145 -35.43 22.19 23.96
CA ILE A 145 -34.40 21.26 24.41
C ILE A 145 -33.05 21.74 23.91
N VAL A 146 -32.17 22.06 24.84
CA VAL A 146 -30.83 22.52 24.51
C VAL A 146 -29.94 21.28 24.47
N LEU A 147 -29.12 21.19 23.44
CA LEU A 147 -28.20 20.07 23.29
C LEU A 147 -26.80 20.51 23.73
N GLN A 148 -26.27 19.81 24.73
CA GLN A 148 -24.93 20.11 25.22
C GLN A 148 -24.03 18.91 24.96
N ASP A 149 -23.08 19.08 24.06
CA ASP A 149 -22.13 18.03 23.71
C ASP A 149 -20.95 18.11 24.67
N VAL A 150 -20.98 17.23 25.67
CA VAL A 150 -19.82 17.05 26.54
C VAL A 150 -19.06 15.81 26.07
N GLY A 151 -18.13 16.01 25.13
CA GLY A 151 -17.28 14.94 24.64
C GLY A 151 -17.98 13.76 24.04
N GLY A 152 -19.18 13.97 23.49
CA GLY A 152 -20.03 12.88 23.07
C GLY A 152 -21.27 12.70 23.91
N LYS A 153 -21.19 12.97 25.22
CA LYS A 153 -22.33 12.86 26.11
C LYS A 153 -23.25 14.05 25.86
N ILE A 154 -24.36 13.77 25.19
CA ILE A 154 -25.25 14.86 24.80
C ILE A 154 -26.21 15.15 25.93
N ILE A 155 -25.85 16.11 26.78
CA ILE A 155 -26.66 16.48 27.93
C ILE A 155 -27.78 17.39 27.45
N HIS A 156 -29.01 17.00 27.76
CA HIS A 156 -30.19 17.76 27.37
C HIS A 156 -30.72 18.49 28.58
N LYS A 157 -31.10 19.75 28.38
CA LYS A 157 -31.59 20.59 29.47
C LYS A 157 -32.93 21.20 29.08
N ILE A 158 -33.56 21.83 30.06
CA ILE A 158 -34.92 22.32 29.90
C ILE A 158 -34.90 23.85 29.85
N ILE A 159 -35.62 24.41 28.89
CA ILE A 159 -35.78 25.85 28.77
C ILE A 159 -37.18 26.19 28.29
N THR A 179 -47.55 26.38 19.22
CA THR A 179 -47.48 24.97 18.84
C THR A 179 -48.51 24.17 19.62
N LEU A 180 -49.41 23.48 18.89
CA LEU A 180 -50.58 22.91 19.54
C LEU A 180 -50.47 21.40 19.74
N GLN A 181 -49.60 20.71 19.00
CA GLN A 181 -49.50 19.26 19.17
C GLN A 181 -48.87 18.86 20.49
N TYR A 182 -48.09 19.76 21.10
CA TYR A 182 -47.61 19.56 22.45
C TYR A 182 -48.52 20.20 23.47
N LEU A 183 -49.47 21.01 23.03
CA LEU A 183 -50.47 21.56 23.94
C LEU A 183 -51.41 20.43 24.34
N ALA A 184 -51.55 20.23 25.65
CA ALA A 184 -52.41 19.16 26.15
C ALA A 184 -53.88 19.49 25.83
N PRO A 185 -54.71 18.46 25.65
CA PRO A 185 -56.15 18.70 25.42
C PRO A 185 -56.82 19.42 26.57
N GLU A 186 -56.30 19.26 27.78
CA GLU A 186 -56.77 20.03 28.91
C GLU A 186 -56.26 21.47 28.83
N LEU A 187 -55.07 21.65 28.28
CA LEU A 187 -54.60 23.00 28.00
C LEU A 187 -55.29 23.57 26.76
N PHE A 188 -55.66 22.69 25.83
CA PHE A 188 -56.32 23.11 24.59
C PHE A 188 -57.71 23.67 24.87
N GLU A 189 -58.30 23.26 25.98
CA GLU A 189 -59.58 23.79 26.42
C GLU A 189 -59.49 24.45 27.79
N ASN A 190 -58.26 24.70 28.27
CA ASN A 190 -57.97 25.49 29.47
C ASN A 190 -58.63 24.90 30.72
N LYS A 191 -58.18 23.73 31.11
CA LYS A 191 -58.72 22.92 32.20
C LYS A 191 -57.75 22.94 33.37
N PRO A 192 -58.17 22.46 34.57
CA PRO A 192 -57.20 22.28 35.66
C PRO A 192 -56.10 21.29 35.31
N TYR A 193 -54.88 21.67 35.66
CA TYR A 193 -53.68 21.04 35.12
C TYR A 193 -52.83 20.49 36.26
N THR A 194 -51.89 19.63 35.87
CA THR A 194 -50.92 19.03 36.78
C THR A 194 -49.72 18.57 35.97
N ALA A 195 -48.88 17.72 36.57
CA ALA A 195 -47.69 17.24 35.90
C ALA A 195 -48.01 16.20 34.82
N THR A 196 -49.23 15.65 34.83
CA THR A 196 -49.57 14.64 33.84
C THR A 196 -49.75 15.26 32.45
N VAL A 197 -50.00 16.57 32.40
CA VAL A 197 -49.88 17.32 31.16
C VAL A 197 -48.50 17.17 30.57
N ASP A 198 -47.47 17.41 31.40
CA ASP A 198 -46.10 17.31 30.91
C ASP A 198 -45.71 15.85 30.69
N TYR A 199 -46.41 14.93 31.36
CA TYR A 199 -46.29 13.53 31.00
C TYR A 199 -46.81 13.28 29.59
N TRP A 200 -47.96 13.87 29.27
CA TRP A 200 -48.59 13.68 27.97
C TRP A 200 -47.68 14.18 26.86
N SER A 201 -47.12 15.37 27.06
CA SER A 201 -46.17 15.90 26.10
C SER A 201 -44.87 15.10 26.10
N PHE A 202 -44.52 14.49 27.24
CA PHE A 202 -43.28 13.74 27.32
C PHE A 202 -43.34 12.47 26.48
N GLY A 203 -44.34 11.62 26.74
CA GLY A 203 -44.48 10.41 25.95
C GLY A 203 -44.85 10.70 24.50
N THR A 204 -45.53 11.84 24.29
CA THR A 204 -45.75 12.37 22.94
C THR A 204 -44.44 12.56 22.20
N MET A 205 -43.53 13.32 22.79
CA MET A 205 -42.29 13.68 22.12
C MET A 205 -41.37 12.48 21.99
N VAL A 206 -41.36 11.61 22.99
CA VAL A 206 -40.49 10.43 22.95
C VAL A 206 -41.00 9.45 21.90
N PHE A 207 -42.31 9.37 21.71
CA PHE A 207 -42.83 8.60 20.59
C PHE A 207 -42.44 9.25 19.28
N GLU A 208 -42.39 10.58 19.24
CA GLU A 208 -42.01 11.25 18.01
C GLU A 208 -40.52 11.06 17.72
N CYS A 209 -39.74 10.70 18.75
CA CYS A 209 -38.32 10.42 18.55
C CYS A 209 -38.09 9.13 17.76
N ILE A 210 -39.06 8.23 17.74
CA ILE A 210 -38.91 7.01 16.96
C ILE A 210 -39.84 6.99 15.75
N ALA A 211 -40.98 7.67 15.79
CA ALA A 211 -41.85 7.71 14.62
C ALA A 211 -41.32 8.70 13.58
N GLY A 212 -40.80 9.83 14.03
CA GLY A 212 -40.59 10.95 13.17
C GLY A 212 -41.82 11.82 12.99
N TYR A 213 -42.87 11.58 13.76
CA TYR A 213 -44.13 12.30 13.64
C TYR A 213 -44.94 12.11 14.91
N ARG A 214 -46.05 12.85 14.97
CA ARG A 214 -46.84 12.95 16.19
C ARG A 214 -47.54 11.61 16.47
N PRO A 215 -47.86 11.34 17.74
CA PRO A 215 -48.45 10.02 18.06
C PRO A 215 -49.90 9.84 17.65
N PHE A 216 -50.53 10.81 17.00
CA PHE A 216 -51.97 10.71 16.81
C PHE A 216 -52.35 11.53 15.58
N LEU A 217 -52.68 10.85 14.48
CA LEU A 217 -53.33 11.43 13.30
C LEU A 217 -52.52 12.60 12.74
N HIS A 218 -51.36 12.25 12.17
CA HIS A 218 -50.36 13.23 11.81
C HIS A 218 -50.84 14.16 10.71
N HIS A 219 -50.60 15.46 10.92
CA HIS A 219 -51.12 16.61 10.18
C HIS A 219 -52.64 16.70 10.21
N LEU A 220 -53.27 16.47 11.35
CA LEU A 220 -54.68 16.78 11.51
C LEU A 220 -54.79 18.05 12.35
N GLN A 221 -55.74 18.91 11.97
CA GLN A 221 -55.96 20.19 12.62
C GLN A 221 -56.49 20.01 14.04
N PRO A 222 -55.84 20.60 15.06
CA PRO A 222 -56.13 20.27 16.47
C PRO A 222 -57.54 20.59 16.95
N PHE A 223 -58.29 21.41 16.20
CA PHE A 223 -59.65 21.77 16.58
C PHE A 223 -60.58 20.56 16.56
N THR A 224 -60.33 19.61 15.67
CA THR A 224 -61.00 18.32 15.68
C THR A 224 -60.07 17.17 15.97
N TRP A 225 -58.76 17.40 15.85
CA TRP A 225 -57.79 16.37 16.20
C TRP A 225 -57.80 16.10 17.70
N HIS A 226 -57.97 17.15 18.52
CA HIS A 226 -58.18 16.92 19.95
C HIS A 226 -59.53 16.27 20.22
N GLU A 227 -60.52 16.51 19.37
CA GLU A 227 -61.79 15.82 19.51
C GLU A 227 -61.66 14.35 19.17
N LYS A 228 -60.75 14.00 18.26
CA LYS A 228 -60.41 12.61 18.04
C LYS A 228 -59.59 12.04 19.18
N ILE A 229 -58.78 12.89 19.83
CA ILE A 229 -58.04 12.48 21.02
C ILE A 229 -59.00 12.11 22.14
N LYS A 230 -60.15 12.79 22.22
CA LYS A 230 -61.17 12.43 23.20
C LYS A 230 -61.81 11.07 22.89
N LYS A 231 -61.63 10.55 21.69
CA LYS A 231 -62.18 9.25 21.33
C LYS A 231 -61.12 8.15 21.24
N LYS A 232 -59.98 8.31 21.92
CA LYS A 232 -58.93 7.32 21.85
C LYS A 232 -59.20 6.17 22.81
N ASP A 233 -58.98 4.95 22.35
CA ASP A 233 -58.91 3.77 23.20
C ASP A 233 -57.72 3.93 24.13
N PRO A 234 -57.92 4.02 25.45
CA PRO A 234 -56.78 4.31 26.35
C PRO A 234 -55.75 3.20 26.43
N LYS A 235 -56.16 1.93 26.28
CA LYS A 235 -55.19 0.85 26.24
C LYS A 235 -54.43 0.80 24.93
N CYS A 236 -54.96 1.40 23.88
CA CYS A 236 -54.22 1.62 22.65
C CYS A 236 -53.35 2.85 22.81
N ILE A 237 -52.29 2.91 22.01
CA ILE A 237 -51.30 3.97 22.11
C ILE A 237 -51.16 4.79 20.84
N PHE A 238 -51.42 4.23 19.67
CA PHE A 238 -51.11 4.86 18.40
C PHE A 238 -52.31 4.80 17.48
N ALA A 239 -52.59 5.91 16.81
CA ALA A 239 -53.61 5.93 15.77
C ALA A 239 -52.95 6.15 14.42
N CYS A 240 -53.38 5.35 13.44
CA CYS A 240 -52.97 5.54 12.05
C CYS A 240 -54.22 5.80 11.23
N GLU A 241 -54.07 6.62 10.19
CA GLU A 241 -55.16 6.90 9.28
C GLU A 241 -54.78 6.43 7.88
N GLU A 242 -55.70 5.72 7.23
CA GLU A 242 -55.45 5.24 5.89
C GLU A 242 -55.67 6.37 4.88
N MET A 243 -55.34 6.09 3.62
CA MET A 243 -55.51 7.09 2.58
C MET A 243 -56.97 7.29 2.21
N SER A 244 -57.84 6.36 2.60
CA SER A 244 -59.28 6.57 2.52
C SER A 244 -59.83 7.30 3.73
N GLY A 245 -58.98 7.66 4.69
CA GLY A 245 -59.42 8.33 5.90
C GLY A 245 -59.79 7.40 7.03
N GLU A 246 -59.46 6.10 6.91
CA GLU A 246 -59.85 5.13 7.91
C GLU A 246 -59.09 5.33 9.21
N VAL A 247 -59.79 5.78 10.25
CA VAL A 247 -59.20 5.99 11.56
C VAL A 247 -59.16 4.64 12.27
N ARG A 248 -57.95 4.15 12.52
CA ARG A 248 -57.76 2.93 13.28
C ARG A 248 -56.81 3.23 14.43
N PHE A 249 -56.77 2.32 15.40
CA PHE A 249 -55.93 2.46 16.58
C PHE A 249 -54.92 1.32 16.62
N SER A 250 -53.85 1.54 17.37
CA SER A 250 -52.86 0.51 17.63
C SER A 250 -52.37 0.62 19.06
N SER A 251 -52.36 -0.51 19.76
CA SER A 251 -51.67 -0.62 21.04
C SER A 251 -50.23 -1.06 20.85
N HIS A 252 -49.72 -1.03 19.63
CA HIS A 252 -48.37 -1.46 19.32
C HIS A 252 -47.58 -0.30 18.74
N LEU A 253 -46.27 -0.48 18.73
CA LEU A 253 -45.40 0.46 18.05
C LEU A 253 -45.54 0.29 16.54
N PRO A 254 -45.51 1.38 15.76
CA PRO A 254 -45.33 1.23 14.31
C PRO A 254 -43.99 0.58 14.00
N GLN A 255 -44.00 -0.27 12.97
CA GLN A 255 -42.93 -1.23 12.79
C GLN A 255 -41.55 -0.65 12.46
N PRO A 256 -41.37 0.37 11.57
CA PRO A 256 -39.99 0.88 11.38
C PRO A 256 -39.46 1.65 12.58
N ASN A 257 -39.02 0.92 13.59
CA ASN A 257 -38.31 1.50 14.72
C ASN A 257 -36.82 1.24 14.54
N SER A 258 -36.07 1.46 15.61
CA SER A 258 -34.67 1.06 15.68
C SER A 258 -34.40 0.47 17.06
N LEU A 259 -35.42 -0.13 17.65
CA LEU A 259 -35.38 -0.51 19.05
C LEU A 259 -35.56 -2.02 19.21
N CYS A 260 -35.12 -2.52 20.36
CA CYS A 260 -35.19 -3.93 20.68
C CYS A 260 -36.44 -4.20 21.50
N SER A 261 -37.18 -5.26 21.14
CA SER A 261 -38.51 -5.52 21.68
C SER A 261 -38.51 -5.75 23.18
N LEU A 262 -37.39 -6.26 23.70
CA LEU A 262 -37.23 -6.64 25.11
C LEU A 262 -37.49 -5.46 26.03
N ILE A 263 -37.11 -4.27 25.63
CA ILE A 263 -37.52 -3.06 26.34
C ILE A 263 -38.75 -2.41 25.74
N VAL A 264 -39.11 -2.72 24.48
CA VAL A 264 -40.22 -2.04 23.83
C VAL A 264 -41.54 -2.38 24.51
N GLU A 265 -41.73 -3.65 24.88
CA GLU A 265 -43.00 -4.03 25.51
C GLU A 265 -43.24 -3.39 26.89
N PRO A 266 -42.25 -3.26 27.81
CA PRO A 266 -42.49 -2.39 28.96
C PRO A 266 -42.60 -0.92 28.58
N MET A 267 -41.93 -0.50 27.51
CA MET A 267 -42.16 0.85 27.01
C MET A 267 -43.50 0.94 26.29
N GLU A 268 -44.03 -0.17 25.79
CA GLU A 268 -45.38 -0.18 25.23
C GLU A 268 -46.43 0.06 26.31
N ASN A 269 -46.32 -0.66 27.43
CA ASN A 269 -47.24 -0.42 28.53
C ASN A 269 -47.00 0.94 29.18
N TRP A 270 -45.74 1.39 29.13
CA TRP A 270 -45.40 2.75 29.54
C TRP A 270 -46.12 3.76 28.65
N LEU A 271 -46.23 3.48 27.37
CA LEU A 271 -47.03 4.32 26.49
C LEU A 271 -48.52 4.18 26.78
N GLN A 272 -48.93 3.03 27.29
CA GLN A 272 -50.32 2.86 27.68
C GLN A 272 -50.64 3.72 28.90
N LEU A 273 -49.66 3.95 29.76
CA LEU A 273 -49.90 4.84 30.91
C LEU A 273 -49.73 6.30 30.53
N MET A 274 -48.70 6.62 29.74
CA MET A 274 -48.29 8.01 29.58
C MET A 274 -49.17 8.77 28.61
N LEU A 275 -50.02 8.07 27.86
CA LEU A 275 -50.83 8.72 26.84
C LEU A 275 -52.31 8.44 26.98
N ASN A 276 -52.78 8.08 28.17
CA ASN A 276 -54.21 8.08 28.42
C ASN A 276 -54.66 9.52 28.58
N TRP A 277 -55.74 9.90 27.89
CA TRP A 277 -56.15 11.31 27.90
C TRP A 277 -56.91 11.69 29.17
N ASP A 278 -57.16 10.74 30.06
CA ASP A 278 -57.64 11.06 31.40
C ASP A 278 -56.42 11.49 32.22
N PRO A 279 -56.38 12.74 32.70
CA PRO A 279 -55.20 13.20 33.44
C PRO A 279 -55.03 12.54 34.80
N GLN A 280 -56.10 12.09 35.43
CA GLN A 280 -56.00 11.35 36.69
C GLN A 280 -55.52 9.93 36.47
N GLN A 281 -55.57 9.43 35.24
CA GLN A 281 -55.08 8.09 34.90
C GLN A 281 -53.72 8.11 34.21
N ARG A 282 -53.34 9.24 33.62
CA ARG A 282 -52.10 9.36 32.88
C ARG A 282 -50.94 9.45 33.86
N GLY A 283 -50.18 8.38 33.98
CA GLY A 283 -49.25 8.27 35.08
C GLY A 283 -49.91 8.15 36.43
N GLY A 284 -51.12 7.60 36.47
CA GLY A 284 -51.98 7.59 37.64
C GLY A 284 -51.46 6.81 38.83
N PRO A 285 -51.01 5.36 38.63
CA PRO A 285 -50.57 4.58 39.80
C PRO A 285 -49.25 5.09 40.37
N VAL A 286 -49.34 6.19 41.10
CA VAL A 286 -48.19 6.81 41.74
C VAL A 286 -47.90 6.09 43.04
N ASP A 287 -46.76 5.42 43.09
CA ASP A 287 -46.32 4.75 44.31
C ASP A 287 -45.77 5.81 45.25
N LEU A 288 -46.48 6.05 46.36
CA LEU A 288 -45.97 6.98 47.36
C LEU A 288 -44.84 6.40 48.19
N THR A 289 -44.53 5.10 48.01
CA THR A 289 -43.29 4.56 48.54
C THR A 289 -42.09 5.28 47.95
N LEU A 290 -42.12 5.55 46.65
CA LEU A 290 -40.98 6.15 45.99
C LEU A 290 -41.30 7.47 45.28
N LYS A 291 -42.47 8.06 45.54
CA LYS A 291 -42.91 9.35 44.97
C LYS A 291 -42.91 9.33 43.44
N GLN A 292 -43.25 8.19 42.86
CA GLN A 292 -43.18 8.02 41.42
C GLN A 292 -44.38 7.23 40.92
N PRO A 293 -44.82 7.48 39.69
CA PRO A 293 -45.74 6.54 39.05
C PRO A 293 -45.02 5.26 38.64
N ARG A 294 -45.81 4.30 38.16
CA ARG A 294 -45.23 3.10 37.55
C ARG A 294 -44.44 3.44 36.31
N CYS A 295 -44.76 4.57 35.68
CA CYS A 295 -43.98 5.12 34.58
C CYS A 295 -42.52 5.30 34.99
N PHE A 296 -42.29 6.02 36.08
CA PHE A 296 -40.91 6.26 36.51
C PHE A 296 -40.29 5.00 37.10
N VAL A 297 -41.12 4.06 37.57
CA VAL A 297 -40.62 2.76 37.97
C VAL A 297 -40.03 2.03 36.77
N LEU A 298 -40.76 2.02 35.66
CA LEU A 298 -40.28 1.36 34.46
C LEU A 298 -39.11 2.11 33.86
N MET A 299 -39.05 3.42 34.05
CA MET A 299 -37.88 4.17 33.58
C MET A 299 -36.66 3.83 34.42
N ASP A 300 -36.86 3.64 35.72
CA ASP A 300 -35.76 3.25 36.59
C ASP A 300 -35.28 1.85 36.25
N HIS A 301 -36.20 0.98 35.87
CA HIS A 301 -35.80 -0.37 35.47
C HIS A 301 -35.05 -0.34 34.15
N ILE A 302 -35.63 0.28 33.14
CA ILE A 302 -35.13 0.18 31.77
C ILE A 302 -33.84 0.95 31.62
N LEU A 303 -33.74 2.10 32.29
CA LEU A 303 -32.53 2.91 32.15
C LEU A 303 -31.34 2.31 32.90
N ASN A 304 -31.56 1.26 33.69
CA ASN A 304 -30.47 0.48 34.24
C ASN A 304 -30.50 -0.97 33.77
N LEU A 305 -31.40 -1.30 32.85
CA LEU A 305 -31.57 -2.66 32.38
C LEU A 305 -30.42 -3.03 31.46
N LYS A 306 -29.51 -3.85 31.95
CA LYS A 306 -28.32 -4.22 31.20
C LYS A 306 -28.68 -5.24 30.13
N ILE A 307 -28.37 -4.90 28.88
CA ILE A 307 -28.62 -5.78 27.75
C ILE A 307 -27.35 -5.87 26.91
N VAL A 308 -26.84 -7.09 26.77
CA VAL A 308 -25.71 -7.34 25.88
C VAL A 308 -26.26 -7.67 24.50
N HIS A 309 -25.86 -6.88 23.52
CA HIS A 309 -26.23 -7.09 22.13
C HIS A 309 -25.09 -7.85 21.47
N ILE A 310 -25.42 -8.92 20.75
CA ILE A 310 -24.42 -9.75 20.12
C ILE A 310 -24.80 -9.99 18.68
N LEU A 311 -23.96 -9.54 17.77
CA LEU A 311 -24.04 -9.90 16.36
C LEU A 311 -23.48 -11.29 16.19
N ASN A 312 -24.30 -12.21 15.73
CA ASN A 312 -23.81 -13.49 15.25
C ASN A 312 -23.09 -13.19 13.94
N MET A 313 -21.76 -13.29 13.98
CA MET A 313 -20.99 -13.14 12.75
C MET A 313 -21.22 -14.27 11.77
N THR A 314 -21.56 -15.47 12.27
CA THR A 314 -21.76 -16.62 11.41
C THR A 314 -23.10 -16.61 10.68
N SER A 315 -24.08 -15.88 11.19
CA SER A 315 -25.39 -15.84 10.54
C SER A 315 -25.84 -14.43 10.22
N ALA A 316 -25.02 -13.41 10.50
CA ALA A 316 -25.33 -11.99 10.28
C ALA A 316 -26.62 -11.58 11.00
N LYS A 317 -26.69 -11.92 12.29
CA LYS A 317 -27.89 -11.71 13.08
C LYS A 317 -27.53 -11.13 14.44
N ILE A 318 -28.24 -10.09 14.84
CA ILE A 318 -28.09 -9.50 16.17
C ILE A 318 -29.25 -9.93 17.04
N ILE A 319 -28.94 -10.56 18.17
CA ILE A 319 -29.96 -10.96 19.14
C ILE A 319 -29.63 -10.29 20.47
N SER A 320 -30.58 -9.57 21.03
CA SER A 320 -30.41 -8.91 22.31
C SER A 320 -30.75 -9.87 23.42
N PHE A 321 -30.26 -9.57 24.63
CA PHE A 321 -30.39 -10.47 25.76
C PHE A 321 -30.52 -9.68 27.06
N LEU A 322 -31.58 -9.98 27.81
CA LEU A 322 -31.70 -9.47 29.16
C LEU A 322 -30.64 -10.11 30.05
N LEU A 323 -30.00 -9.28 30.86
CA LEU A 323 -28.93 -9.79 31.71
C LEU A 323 -29.35 -9.70 33.18
N PRO A 324 -29.50 -10.84 33.85
CA PRO A 324 -29.65 -10.80 35.30
C PRO A 324 -28.39 -10.25 35.94
N PRO A 325 -28.52 -9.58 37.10
CA PRO A 325 -27.40 -8.73 37.57
C PRO A 325 -26.20 -9.49 38.12
N ASP A 326 -26.18 -10.82 38.01
CA ASP A 326 -25.04 -11.59 38.52
C ASP A 326 -24.75 -12.83 37.68
N GLU A 327 -25.13 -12.86 36.41
CA GLU A 327 -24.88 -14.04 35.59
C GLU A 327 -23.42 -14.07 35.16
N SER A 328 -22.79 -15.22 35.33
CA SER A 328 -21.43 -15.39 34.86
C SER A 328 -21.42 -15.49 33.34
N LEU A 329 -20.23 -15.30 32.77
CA LEU A 329 -20.10 -15.35 31.32
C LEU A 329 -20.28 -16.76 30.79
N HIS A 330 -20.01 -17.76 31.65
CA HIS A 330 -20.16 -19.15 31.23
C HIS A 330 -21.63 -19.53 31.11
N SER A 331 -22.45 -19.09 32.07
CA SER A 331 -23.89 -19.34 31.97
C SER A 331 -24.51 -18.52 30.86
N LEU A 332 -23.89 -17.37 30.54
CA LEU A 332 -24.27 -16.66 29.33
C LEU A 332 -23.96 -17.46 28.09
N GLN A 333 -22.81 -18.15 28.08
CA GLN A 333 -22.48 -19.04 26.97
C GLN A 333 -23.45 -20.21 26.90
N SER A 334 -24.00 -20.60 28.05
CA SER A 334 -25.08 -21.58 28.04
C SER A 334 -26.35 -20.98 27.43
N ARG A 335 -26.59 -19.68 27.67
CA ARG A 335 -27.80 -19.04 27.16
C ARG A 335 -27.74 -18.88 25.65
N ILE A 336 -26.59 -18.42 25.15
CA ILE A 336 -26.38 -18.31 23.71
C ILE A 336 -26.27 -19.69 23.10
N GLU A 337 -25.79 -20.65 23.88
CA GLU A 337 -25.70 -22.03 23.45
C GLU A 337 -27.09 -22.59 23.18
N ARG A 338 -28.02 -22.38 24.11
CA ARG A 338 -29.39 -22.79 23.92
C ARG A 338 -30.07 -21.96 22.83
N GLU A 339 -29.64 -20.72 22.67
CA GLU A 339 -30.27 -19.85 21.69
C GLU A 339 -29.92 -20.25 20.27
N THR A 340 -28.64 -20.50 20.01
CA THR A 340 -28.13 -20.65 18.66
C THR A 340 -27.78 -22.08 18.30
N GLY A 341 -27.60 -22.95 19.28
CA GLY A 341 -27.14 -24.30 19.05
C GLY A 341 -25.65 -24.44 18.99
N ILE A 342 -24.92 -23.33 19.05
CA ILE A 342 -23.46 -23.35 18.95
C ILE A 342 -22.88 -23.80 20.28
N ASN A 343 -22.13 -24.89 20.25
CA ASN A 343 -21.50 -25.46 21.44
C ASN A 343 -20.50 -24.49 22.04
N THR A 344 -20.44 -24.42 23.37
CA THR A 344 -19.57 -23.50 24.09
C THR A 344 -18.09 -23.76 23.83
N GLY A 345 -17.71 -25.00 23.54
CA GLY A 345 -16.34 -25.27 23.15
C GLY A 345 -16.00 -24.68 21.80
N SER A 346 -17.01 -24.45 20.95
CA SER A 346 -16.82 -23.84 19.65
C SER A 346 -17.32 -22.41 19.59
N GLN A 347 -18.23 -22.03 20.48
CA GLN A 347 -18.66 -20.66 20.68
C GLN A 347 -17.47 -19.79 21.07
N GLU A 348 -17.12 -18.82 20.23
CA GLU A 348 -16.00 -17.92 20.50
C GLU A 348 -16.48 -16.48 20.47
N LEU A 349 -16.09 -15.72 21.48
CA LEU A 349 -16.52 -14.33 21.66
C LEU A 349 -15.33 -13.46 22.00
N LEU A 350 -15.36 -12.22 21.53
CA LEU A 350 -14.24 -11.31 21.73
C LEU A 350 -14.74 -9.88 21.62
N SER A 351 -13.89 -8.94 22.03
CA SER A 351 -14.31 -7.56 22.23
C SER A 351 -14.56 -6.86 20.91
N GLU A 352 -15.16 -5.68 21.01
CA GLU A 352 -15.23 -4.74 19.91
C GLU A 352 -13.84 -4.34 19.43
N THR A 353 -12.89 -4.24 20.34
CA THR A 353 -11.51 -3.95 19.99
C THR A 353 -10.70 -5.21 19.77
N GLY A 354 -11.35 -6.37 19.72
CA GLY A 354 -10.65 -7.60 19.37
C GLY A 354 -9.94 -8.28 20.51
N ILE A 355 -10.51 -8.26 21.71
CA ILE A 355 -9.91 -8.92 22.86
C ILE A 355 -10.87 -10.00 23.31
N SER A 356 -10.36 -11.22 23.47
CA SER A 356 -11.20 -12.35 23.84
C SER A 356 -11.75 -12.17 25.25
N LEU A 357 -13.03 -12.47 25.41
CA LEU A 357 -13.73 -12.22 26.66
C LEU A 357 -13.29 -13.20 27.74
N ASP A 358 -12.93 -12.64 28.90
CA ASP A 358 -12.51 -13.39 30.07
C ASP A 358 -13.69 -14.21 30.58
N PRO A 359 -13.57 -15.53 30.65
CA PRO A 359 -14.63 -16.34 31.27
C PRO A 359 -14.76 -16.10 32.77
N ARG A 360 -13.73 -15.55 33.42
CA ARG A 360 -13.78 -15.26 34.84
C ARG A 360 -14.62 -14.04 35.18
N LYS A 361 -15.00 -13.24 34.20
CA LYS A 361 -15.82 -12.07 34.42
C LYS A 361 -17.30 -12.41 34.32
N PRO A 362 -18.19 -11.53 34.79
CA PRO A 362 -19.60 -11.70 34.43
C PRO A 362 -19.93 -11.02 33.10
N MET A 378 -20.95 -4.26 21.93
CA MET A 378 -21.48 -5.33 21.10
C MET A 378 -20.40 -6.33 20.68
N VAL A 379 -20.37 -7.48 21.33
CA VAL A 379 -19.37 -8.49 21.05
C VAL A 379 -19.90 -9.44 19.99
N TYR A 380 -19.00 -10.22 19.42
CA TYR A 380 -19.18 -10.84 18.11
C TYR A 380 -18.94 -12.33 18.20
N LEU A 381 -19.85 -13.10 17.59
CA LEU A 381 -19.94 -14.53 17.82
C LEU A 381 -19.21 -15.30 16.74
N PHE A 382 -18.29 -16.16 17.16
CA PHE A 382 -17.55 -17.05 16.27
C PHE A 382 -17.78 -18.51 16.65
N ASP A 383 -17.83 -19.33 15.61
CA ASP A 383 -17.97 -20.78 15.74
C ASP A 383 -16.61 -21.39 15.43
N LYS A 384 -15.97 -21.96 16.45
CA LYS A 384 -14.66 -22.54 16.23
C LYS A 384 -14.74 -23.82 15.41
N SER A 385 -15.74 -24.65 15.68
CA SER A 385 -15.86 -25.94 15.01
C SER A 385 -16.29 -25.83 13.55
N LYS A 386 -16.71 -24.65 13.10
CA LYS A 386 -17.08 -24.44 11.71
C LYS A 386 -16.01 -23.59 11.04
N THR A 387 -15.53 -24.05 9.90
CA THR A 387 -14.43 -23.39 9.21
C THR A 387 -14.89 -22.40 8.16
N VAL A 388 -15.53 -22.86 7.11
CA VAL A 388 -15.96 -22.02 6.00
C VAL A 388 -17.34 -21.51 6.31
N TYR A 389 -17.51 -20.20 6.29
CA TYR A 389 -18.79 -19.58 6.59
C TYR A 389 -19.44 -19.22 5.27
N GLU A 390 -20.71 -19.56 5.14
CA GLU A 390 -21.44 -19.28 3.92
C GLU A 390 -21.90 -17.83 3.87
N GLY A 391 -22.74 -17.53 2.89
CA GLY A 391 -23.36 -16.24 2.73
C GLY A 391 -24.27 -15.83 3.88
N PRO A 392 -24.77 -14.61 3.83
CA PRO A 392 -25.47 -14.04 4.97
C PRO A 392 -26.86 -14.65 5.16
N PHE A 393 -27.24 -14.76 6.42
CA PHE A 393 -28.59 -15.12 6.79
C PHE A 393 -29.23 -13.91 7.42
N ALA A 394 -28.96 -12.74 6.84
CA ALA A 394 -29.52 -11.47 7.30
C ALA A 394 -30.73 -11.18 6.42
N SER A 395 -31.90 -11.61 6.88
CA SER A 395 -33.13 -11.22 6.22
C SER A 395 -33.40 -9.75 6.46
N ARG A 396 -33.54 -9.00 5.36
CA ARG A 396 -33.72 -7.55 5.43
C ARG A 396 -35.02 -7.21 4.71
N SER A 397 -36.13 -7.17 5.46
CA SER A 397 -37.45 -7.08 4.83
C SER A 397 -37.76 -5.67 4.34
N LEU A 398 -38.85 -5.57 3.59
CA LEU A 398 -39.39 -4.31 3.12
C LEU A 398 -40.89 -4.29 3.41
N SER A 399 -41.46 -3.10 3.43
CA SER A 399 -42.90 -3.04 3.66
C SER A 399 -43.65 -3.27 2.35
N ASP A 400 -44.95 -3.56 2.49
CA ASP A 400 -45.78 -3.81 1.33
C ASP A 400 -46.00 -2.56 0.50
N CYS A 401 -45.83 -1.39 1.11
CA CYS A 401 -45.72 -0.15 0.34
C CYS A 401 -44.43 -0.13 -0.45
N VAL A 402 -43.32 -0.50 0.18
CA VAL A 402 -42.03 -0.55 -0.49
C VAL A 402 -42.03 -1.65 -1.53
N ASN A 403 -42.63 -2.80 -1.19
CA ASN A 403 -42.79 -3.88 -2.17
C ASN A 403 -43.72 -3.47 -3.31
N TYR A 404 -44.68 -2.60 -3.00
CA TYR A 404 -45.55 -2.05 -4.04
C TYR A 404 -44.78 -1.12 -4.97
N ILE A 405 -43.75 -0.46 -4.44
CA ILE A 405 -42.85 0.33 -5.28
C ILE A 405 -41.94 -0.59 -6.10
N VAL A 406 -41.56 -1.73 -5.52
CA VAL A 406 -40.81 -2.76 -6.25
C VAL A 406 -41.64 -3.29 -7.42
N GLN A 407 -42.95 -3.39 -7.22
CA GLN A 407 -43.83 -3.75 -8.33
C GLN A 407 -43.89 -2.65 -9.37
N ASP A 408 -44.14 -1.41 -8.96
CA ASP A 408 -44.11 -0.28 -9.90
C ASP A 408 -43.76 0.97 -9.10
N SER A 409 -42.59 1.54 -9.40
CA SER A 409 -42.15 2.79 -8.79
C SER A 409 -42.78 4.01 -9.43
N LYS A 410 -43.43 3.85 -10.58
CA LYS A 410 -43.89 4.97 -11.40
C LYS A 410 -45.37 5.28 -11.19
N ILE A 411 -46.01 4.71 -10.18
CA ILE A 411 -47.39 5.03 -9.87
C ILE A 411 -47.45 6.41 -9.23
N GLN A 412 -48.41 7.23 -9.66
CA GLN A 412 -48.47 8.64 -9.26
C GLN A 412 -49.48 8.79 -8.14
N LEU A 413 -48.98 8.68 -6.91
CA LEU A 413 -49.57 8.62 -5.58
C LEU A 413 -49.19 9.85 -4.75
N PRO A 414 -50.02 10.24 -3.77
CA PRO A 414 -49.74 11.47 -3.01
C PRO A 414 -48.52 11.35 -2.10
N ILE A 415 -47.97 12.52 -1.76
CA ILE A 415 -46.74 12.65 -1.01
C ILE A 415 -46.86 12.20 0.44
N ILE A 416 -48.10 12.10 0.95
CA ILE A 416 -48.36 11.57 2.28
C ILE A 416 -47.81 10.16 2.40
N GLN A 417 -48.03 9.36 1.36
CA GLN A 417 -47.34 8.09 1.26
C GLN A 417 -45.85 8.27 1.02
N LEU A 418 -45.48 9.18 0.11
CA LEU A 418 -44.16 9.17 -0.51
C LEU A 418 -43.06 9.52 0.49
N ARG A 419 -43.31 10.48 1.37
CA ARG A 419 -42.29 10.84 2.36
C ARG A 419 -42.07 9.70 3.34
N LYS A 420 -43.15 9.02 3.72
CA LYS A 420 -43.07 7.88 4.61
C LYS A 420 -42.31 6.72 3.98
N VAL A 421 -42.70 6.36 2.74
CA VAL A 421 -42.15 5.18 2.09
C VAL A 421 -40.69 5.42 1.71
N TRP A 422 -40.37 6.63 1.25
CA TRP A 422 -39.00 6.91 0.85
C TRP A 422 -38.11 7.04 2.08
N ALA A 423 -38.68 7.53 3.19
CA ALA A 423 -37.98 7.49 4.46
C ALA A 423 -37.68 6.06 4.88
N GLU A 424 -38.62 5.14 4.60
CA GLU A 424 -38.35 3.73 4.86
C GLU A 424 -37.27 3.19 3.94
N ALA A 425 -37.16 3.74 2.74
CA ALA A 425 -36.16 3.26 1.80
C ALA A 425 -34.76 3.66 2.22
N VAL A 426 -34.58 4.95 2.51
CA VAL A 426 -33.27 5.45 2.94
C VAL A 426 -32.92 4.87 4.30
N HIS A 427 -33.95 4.68 5.13
CA HIS A 427 -33.86 3.94 6.38
C HIS A 427 -33.29 2.55 6.16
N TYR A 428 -33.79 1.87 5.13
CA TYR A 428 -33.36 0.52 4.82
C TYR A 428 -31.92 0.49 4.36
N VAL A 429 -31.55 1.44 3.50
CA VAL A 429 -30.20 1.49 2.94
C VAL A 429 -29.18 1.81 4.01
N SER A 430 -29.49 2.79 4.86
CA SER A 430 -28.61 3.14 5.98
C SER A 430 -28.47 1.99 6.95
N GLY A 431 -29.56 1.23 7.15
CA GLY A 431 -29.46 0.01 7.93
C GLY A 431 -28.48 -0.98 7.33
N LEU A 432 -28.49 -1.11 5.99
CA LEU A 432 -27.52 -1.98 5.34
C LEU A 432 -26.10 -1.46 5.50
N LYS A 433 -25.93 -0.13 5.52
CA LYS A 433 -24.62 0.46 5.71
C LYS A 433 -24.08 0.14 7.09
N GLU A 434 -24.93 0.25 8.11
CA GLU A 434 -24.48 -0.10 9.46
C GLU A 434 -24.25 -1.59 9.60
N ASP A 435 -24.96 -2.40 8.81
CA ASP A 435 -24.70 -3.83 8.79
C ASP A 435 -23.28 -4.11 8.32
N TYR A 436 -22.92 -3.55 7.16
CA TYR A 436 -21.55 -3.74 6.66
C TYR A 436 -20.53 -3.09 7.59
N SER A 437 -20.93 -2.02 8.27
CA SER A 437 -20.02 -1.35 9.19
C SER A 437 -19.68 -2.24 10.38
N ARG A 438 -20.70 -2.88 10.96
CA ARG A 438 -20.45 -3.73 12.10
C ARG A 438 -19.72 -5.00 11.69
N LEU A 439 -20.03 -5.53 10.50
CA LEU A 439 -19.31 -6.69 10.00
C LEU A 439 -17.85 -6.36 9.72
N PHE A 440 -17.63 -5.14 9.23
CA PHE A 440 -16.29 -4.63 9.03
C PHE A 440 -15.54 -4.54 10.35
N GLN A 441 -16.24 -4.13 11.40
CA GLN A 441 -15.66 -4.10 12.75
C GLN A 441 -15.26 -5.47 13.23
N GLY A 442 -16.14 -6.46 13.06
CA GLY A 442 -15.83 -7.80 13.54
C GLY A 442 -14.70 -8.43 12.77
N GLN A 443 -14.59 -8.10 11.48
CA GLN A 443 -13.47 -8.55 10.68
C GLN A 443 -12.17 -7.97 11.18
N ARG A 444 -12.15 -6.65 11.44
CA ARG A 444 -10.95 -6.00 11.93
C ARG A 444 -10.55 -6.54 13.30
N ALA A 445 -11.54 -6.80 14.15
CA ALA A 445 -11.28 -7.28 15.49
C ALA A 445 -10.72 -8.69 15.46
N ALA A 446 -11.26 -9.53 14.57
CA ALA A 446 -10.73 -10.87 14.40
C ALA A 446 -9.31 -10.83 13.87
N MET A 447 -9.02 -9.85 13.02
CA MET A 447 -7.66 -9.69 12.53
C MET A 447 -6.73 -9.25 13.65
N LEU A 448 -7.26 -8.48 14.60
CA LEU A 448 -6.47 -8.07 15.76
C LEU A 448 -6.14 -9.25 16.64
N SER A 449 -7.13 -10.14 16.86
CA SER A 449 -6.89 -11.37 17.59
C SER A 449 -5.85 -12.24 16.89
N LEU A 450 -5.89 -12.25 15.56
CA LEU A 450 -4.90 -12.97 14.78
C LEU A 450 -3.52 -12.37 15.00
N LEU A 451 -3.45 -11.05 15.15
CA LEU A 451 -2.17 -10.40 15.42
C LEU A 451 -1.65 -10.76 16.80
N ARG A 452 -2.54 -10.88 17.78
CA ARG A 452 -2.10 -11.24 19.13
C ARG A 452 -1.57 -12.67 19.16
N TYR A 453 -2.26 -13.56 18.45
CA TYR A 453 -1.80 -14.94 18.30
C TYR A 453 -0.46 -14.99 17.58
N ASN A 454 -0.29 -14.10 16.60
CA ASN A 454 0.98 -13.99 15.89
C ASN A 454 2.07 -13.51 16.83
N ALA A 455 1.73 -12.62 17.77
CA ALA A 455 2.71 -12.08 18.69
C ALA A 455 3.19 -13.15 19.66
N ASN A 456 2.25 -13.95 20.18
CA ASN A 456 2.64 -15.07 21.04
C ASN A 456 3.45 -16.08 20.25
N LEU A 457 3.14 -16.22 18.96
CA LEU A 457 3.90 -17.12 18.10
C LEU A 457 5.33 -16.64 17.91
N THR A 458 5.52 -15.31 17.84
CA THR A 458 6.87 -14.78 17.72
C THR A 458 7.64 -14.90 19.03
N LYS A 459 6.95 -14.78 20.16
CA LYS A 459 7.61 -14.93 21.45
C LYS A 459 8.09 -16.36 21.65
N MET A 460 7.22 -17.33 21.34
CA MET A 460 7.61 -18.72 21.44
C MET A 460 8.62 -19.09 20.37
N LYS A 461 8.61 -18.36 19.25
CA LYS A 461 9.64 -18.51 18.23
C LYS A 461 11.00 -18.16 18.78
N ASN A 462 11.12 -16.96 19.36
CA ASN A 462 12.41 -16.48 19.86
C ASN A 462 12.89 -17.34 21.02
N THR A 463 11.95 -17.77 21.87
CA THR A 463 12.29 -18.67 22.96
C THR A 463 12.79 -20.00 22.43
N LEU A 464 12.17 -20.47 21.36
CA LEU A 464 12.50 -21.78 20.81
C LEU A 464 13.86 -21.77 20.13
N ILE A 465 14.10 -20.78 19.28
CA ILE A 465 15.37 -20.67 18.59
C ILE A 465 16.50 -20.46 19.58
N SER A 466 16.26 -19.56 20.55
CA SER A 466 17.25 -19.25 21.56
C SER A 466 17.62 -20.46 22.39
N ALA A 467 16.65 -21.03 23.12
CA ALA A 467 16.92 -22.13 24.04
C ALA A 467 17.33 -23.39 23.29
N SER A 468 16.89 -23.50 22.03
CA SER A 468 17.31 -24.62 21.20
C SER A 468 18.79 -24.55 20.89
N GLN A 469 19.27 -23.39 20.45
CA GLN A 469 20.70 -23.27 20.19
C GLN A 469 21.50 -23.32 21.47
N GLN A 470 20.90 -22.91 22.60
CA GLN A 470 21.50 -23.15 23.90
C GLN A 470 21.71 -24.63 24.15
N LEU A 471 20.70 -25.43 23.82
CA LEU A 471 20.80 -26.88 23.96
C LEU A 471 21.87 -27.44 23.05
N LYS A 472 21.97 -26.90 21.83
CA LYS A 472 22.97 -27.38 20.88
C LYS A 472 24.38 -27.10 21.37
N ALA A 473 24.61 -25.90 21.92
CA ALA A 473 25.92 -25.55 22.41
C ALA A 473 26.29 -26.39 23.63
N LYS A 474 25.30 -26.63 24.50
CA LYS A 474 25.54 -27.49 25.66
C LYS A 474 25.84 -28.92 25.22
N LEU A 475 25.23 -29.37 24.13
CA LEU A 475 25.56 -30.66 23.57
C LEU A 475 27.00 -30.71 23.11
N GLU A 476 27.43 -29.69 22.35
CA GLU A 476 28.80 -29.64 21.82
C GLU A 476 29.84 -29.66 22.92
N PHE A 477 29.70 -28.71 23.85
CA PHE A 477 30.62 -28.58 24.98
C PHE A 477 30.62 -29.84 25.84
N PHE A 478 29.45 -30.44 26.01
CA PHE A 478 29.32 -31.63 26.83
C PHE A 478 30.06 -32.82 26.21
N HIS A 479 29.82 -33.08 24.93
CA HIS A 479 30.43 -34.30 24.37
C HIS A 479 31.91 -34.11 24.15
N LYS A 480 32.36 -32.89 23.85
CA LYS A 480 33.81 -32.68 23.77
C LYS A 480 34.45 -32.87 25.13
N SER A 481 33.75 -32.44 26.18
CA SER A 481 34.20 -32.63 27.55
C SER A 481 34.36 -34.11 27.86
N ILE A 482 33.33 -34.91 27.59
CA ILE A 482 33.39 -36.31 27.94
C ILE A 482 34.32 -37.06 26.96
N GLN A 483 34.59 -36.49 25.79
CA GLN A 483 35.60 -37.07 24.91
C GLN A 483 36.98 -36.95 25.53
N LEU A 484 37.31 -35.77 26.06
CA LEU A 484 38.55 -35.61 26.80
C LEU A 484 38.59 -36.51 28.03
N ASP A 485 37.44 -36.66 28.68
CA ASP A 485 37.38 -37.46 29.90
C ASP A 485 37.54 -38.95 29.59
N LEU A 486 37.09 -39.38 28.43
CA LEU A 486 37.27 -40.77 28.04
C LEU A 486 38.69 -41.02 27.55
N GLU A 487 39.32 -39.99 27.00
CA GLU A 487 40.73 -40.14 26.62
C GLU A 487 41.59 -40.31 27.86
N ARG A 488 41.45 -39.43 28.84
CA ARG A 488 42.28 -39.54 30.03
C ARG A 488 41.88 -40.73 30.89
N TYR A 489 40.58 -41.00 30.97
CA TYR A 489 40.08 -42.12 31.74
C TYR A 489 40.52 -43.44 31.12
N SER A 490 40.56 -43.47 29.79
CA SER A 490 41.13 -44.60 29.08
C SER A 490 42.63 -44.71 29.33
N GLU A 491 43.30 -43.58 29.53
CA GLU A 491 44.71 -43.64 29.87
C GLU A 491 44.91 -44.15 31.28
N GLN A 492 43.92 -44.00 32.14
CA GLN A 492 44.08 -44.52 33.50
C GLN A 492 43.67 -45.98 33.56
N MET A 493 42.73 -46.40 32.71
CA MET A 493 42.50 -47.82 32.52
C MET A 493 43.72 -48.47 31.89
N THR A 494 44.44 -47.72 31.06
CA THR A 494 45.72 -48.16 30.56
C THR A 494 46.74 -48.26 31.70
N TYR A 495 46.59 -47.40 32.71
CA TYR A 495 47.44 -47.45 33.88
C TYR A 495 46.97 -48.48 34.91
N GLY A 496 45.93 -49.24 34.60
CA GLY A 496 45.40 -50.18 35.56
C GLY A 496 44.69 -49.51 36.72
N ILE A 497 44.00 -48.40 36.47
CA ILE A 497 43.37 -47.64 37.54
C ILE A 497 41.86 -47.65 37.37
N SER A 498 41.40 -47.34 36.16
CA SER A 498 39.99 -47.11 35.92
C SER A 498 39.19 -48.40 35.91
N SER A 499 37.88 -48.26 36.08
CA SER A 499 36.94 -49.37 35.99
C SER A 499 36.09 -49.21 34.74
N GLU A 500 35.72 -50.35 34.15
CA GLU A 500 35.03 -50.37 32.87
C GLU A 500 33.56 -50.05 32.99
N LYS A 501 33.00 -50.12 34.20
CA LYS A 501 31.56 -49.92 34.36
C LYS A 501 31.18 -48.47 34.11
N MET A 502 31.95 -47.55 34.67
CA MET A 502 31.68 -46.14 34.42
C MET A 502 32.15 -45.75 33.03
N LEU A 503 33.09 -46.50 32.48
CA LEU A 503 33.49 -46.32 31.08
C LEU A 503 32.30 -46.57 30.15
N LYS A 504 31.69 -47.74 30.27
CA LYS A 504 30.56 -48.10 29.44
C LYS A 504 29.35 -47.22 29.74
N ALA A 505 29.21 -46.82 31.01
CA ALA A 505 28.13 -45.94 31.40
C ALA A 505 28.28 -44.57 30.75
N TRP A 506 29.50 -44.04 30.72
CA TRP A 506 29.72 -42.73 30.11
C TRP A 506 29.61 -42.81 28.60
N LYS A 507 29.94 -43.97 28.03
CA LYS A 507 29.72 -44.13 26.59
C LYS A 507 28.23 -44.19 26.29
N GLU A 508 27.44 -44.73 27.21
CA GLU A 508 25.99 -44.64 27.06
C GLU A 508 25.50 -43.21 27.22
N MET A 509 26.15 -42.43 28.09
CA MET A 509 25.82 -41.02 28.22
C MET A 509 26.08 -40.28 26.92
N GLU A 510 27.21 -40.60 26.28
CA GLU A 510 27.56 -39.97 25.02
C GLU A 510 26.58 -40.37 23.93
N GLU A 511 26.20 -41.66 23.90
CA GLU A 511 25.26 -42.14 22.89
C GLU A 511 23.90 -41.50 23.04
N LYS A 512 23.43 -41.34 24.28
CA LYS A 512 22.16 -40.68 24.50
C LYS A 512 22.24 -39.19 24.20
N ALA A 513 23.43 -38.60 24.35
CA ALA A 513 23.62 -37.21 23.96
C ALA A 513 23.52 -37.06 22.44
N ILE A 514 24.12 -37.99 21.71
CA ILE A 514 24.04 -37.97 20.25
C ILE A 514 22.61 -38.27 19.81
N HIS A 515 21.87 -39.03 20.62
CA HIS A 515 20.45 -39.26 20.37
C HIS A 515 19.64 -37.98 20.45
N TYR A 516 20.13 -36.98 21.17
CA TYR A 516 19.39 -35.74 21.36
C TYR A 516 19.66 -34.87 20.14
N ALA A 517 18.88 -35.12 19.10
CA ALA A 517 19.05 -34.51 17.79
C ALA A 517 17.81 -33.72 17.39
N GLU A 518 17.37 -32.85 18.29
CA GLU A 518 16.15 -32.08 18.07
C GLU A 518 16.40 -30.81 17.28
N VAL A 519 17.59 -30.68 16.69
CA VAL A 519 17.96 -29.48 15.96
C VAL A 519 17.37 -29.46 14.56
N GLY A 520 16.79 -30.56 14.11
CA GLY A 520 16.14 -30.56 12.82
C GLY A 520 14.68 -30.20 12.97
N VAL A 521 14.12 -30.57 14.13
CA VAL A 521 12.70 -30.35 14.37
C VAL A 521 12.42 -28.87 14.53
N ILE A 522 13.35 -28.14 15.14
CA ILE A 522 13.23 -26.70 15.27
C ILE A 522 13.35 -26.01 13.91
N GLY A 523 14.06 -26.62 12.97
CA GLY A 523 14.14 -26.04 11.64
C GLY A 523 12.89 -26.32 10.84
N TYR A 524 12.32 -27.51 11.02
CA TYR A 524 11.09 -27.86 10.30
C TYR A 524 9.90 -27.07 10.81
N LEU A 525 9.72 -27.04 12.12
CA LEU A 525 8.63 -26.27 12.69
C LEU A 525 8.91 -24.78 12.57
N GLU A 526 10.19 -24.41 12.48
CA GLU A 526 10.56 -23.06 12.10
C GLU A 526 10.10 -22.74 10.68
N ASP A 527 10.17 -23.73 9.79
CA ASP A 527 9.65 -23.55 8.44
C ASP A 527 8.13 -23.43 8.47
N GLN A 528 7.49 -24.08 9.43
CA GLN A 528 6.07 -23.85 9.64
C GLN A 528 5.82 -22.43 10.15
N ILE A 529 6.73 -21.91 10.97
CA ILE A 529 6.59 -20.56 11.51
C ILE A 529 6.72 -19.54 10.39
N MET A 530 7.74 -19.69 9.56
CA MET A 530 7.91 -18.77 8.44
C MET A 530 6.83 -18.97 7.39
N SER A 531 6.27 -20.18 7.32
CA SER A 531 5.13 -20.43 6.47
C SER A 531 3.94 -19.59 6.89
N LEU A 532 3.56 -19.69 8.16
CA LEU A 532 2.39 -18.95 8.65
C LEU A 532 2.67 -17.46 8.69
N HIS A 533 3.92 -17.08 8.94
CA HIS A 533 4.29 -15.67 8.93
C HIS A 533 4.17 -15.11 7.53
N ALA A 534 4.58 -15.90 6.54
CA ALA A 534 4.36 -15.52 5.16
C ALA A 534 2.87 -15.40 4.85
N GLU A 535 2.07 -16.30 5.42
CA GLU A 535 0.63 -16.27 5.18
C GLU A 535 -0.02 -15.03 5.75
N ILE A 536 0.36 -14.65 6.97
CA ILE A 536 -0.27 -13.51 7.59
C ILE A 536 0.24 -12.22 6.96
N MET A 537 1.49 -12.22 6.48
CA MET A 537 1.97 -11.08 5.69
C MET A 537 1.19 -10.96 4.39
N GLU A 538 0.81 -12.08 3.79
CA GLU A 538 -0.08 -12.05 2.64
C GLU A 538 -1.46 -11.53 3.02
N LEU A 539 -1.92 -11.84 4.22
CA LEU A 539 -3.24 -11.38 4.65
C LEU A 539 -3.22 -9.90 4.98
N GLN A 540 -2.04 -9.32 5.19
CA GLN A 540 -1.93 -7.88 5.40
C GLN A 540 -2.33 -7.10 4.15
N LYS A 541 -1.95 -7.61 2.98
CA LYS A 541 -2.15 -6.89 1.72
C LYS A 541 -3.54 -7.09 1.13
N SER A 542 -4.51 -7.52 1.93
CA SER A 542 -5.82 -7.86 1.41
C SER A 542 -6.59 -6.60 1.01
N PRO A 543 -7.32 -6.66 -0.10
CA PRO A 543 -8.18 -5.54 -0.49
C PRO A 543 -9.43 -5.49 0.38
N TYR A 544 -9.99 -4.28 0.50
CA TYR A 544 -11.06 -4.01 1.45
C TYR A 544 -12.35 -3.65 0.73
N GLY A 545 -13.47 -4.13 1.25
CA GLY A 545 -14.76 -3.79 0.66
C GLY A 545 -15.26 -2.42 1.06
N ARG A 546 -14.57 -1.73 1.98
CA ARG A 546 -14.96 -0.39 2.40
C ARG A 546 -14.82 0.61 1.25
N ARG A 547 -13.97 0.27 0.26
CA ARG A 547 -14.00 0.90 -1.06
C ARG A 547 -15.41 0.99 -1.62
N GLN A 548 -16.15 -0.11 -1.60
CA GLN A 548 -17.57 -0.04 -1.93
C GLN A 548 -18.43 0.43 -0.77
N GLY A 549 -17.87 0.49 0.45
CA GLY A 549 -18.61 1.08 1.55
C GLY A 549 -18.82 2.57 1.36
N ASP A 550 -17.83 3.26 0.81
CA ASP A 550 -17.99 4.67 0.51
C ASP A 550 -18.85 4.85 -0.73
N LEU A 551 -18.90 3.82 -1.58
CA LEU A 551 -19.87 3.80 -2.67
C LEU A 551 -21.29 3.72 -2.11
N MET A 552 -21.48 2.93 -1.04
CA MET A 552 -22.75 2.89 -0.35
C MET A 552 -23.05 4.22 0.32
N GLU A 553 -21.99 4.91 0.75
CA GLU A 553 -22.17 6.26 1.29
C GLU A 553 -22.64 7.22 0.20
N SER A 554 -22.13 7.05 -1.01
CA SER A 554 -22.56 7.88 -2.12
C SER A 554 -23.99 7.57 -2.53
N LEU A 555 -24.35 6.28 -2.55
CA LEU A 555 -25.71 5.87 -2.89
C LEU A 555 -26.72 6.35 -1.87
N GLU A 556 -26.41 6.15 -0.58
CA GLU A 556 -27.25 6.67 0.50
C GLU A 556 -27.32 8.19 0.45
N GLN A 557 -26.22 8.84 0.07
CA GLN A 557 -26.22 10.30 0.00
C GLN A 557 -27.12 10.79 -1.12
N ARG A 558 -27.10 10.10 -2.26
CA ARG A 558 -28.05 10.39 -3.34
C ARG A 558 -29.48 10.16 -2.89
N ALA A 559 -29.70 9.12 -2.09
CA ALA A 559 -31.04 8.83 -1.59
C ALA A 559 -31.51 9.91 -0.62
N ILE A 560 -30.59 10.44 0.18
CA ILE A 560 -30.89 11.58 1.04
C ILE A 560 -31.24 12.78 0.21
N ASP A 561 -30.51 12.99 -0.90
CA ASP A 561 -30.77 14.14 -1.75
C ASP A 561 -32.13 14.03 -2.44
N LEU A 562 -32.52 12.82 -2.82
CA LEU A 562 -33.84 12.63 -3.42
C LEU A 562 -34.93 12.78 -2.37
N TYR A 563 -34.64 12.38 -1.12
CA TYR A 563 -35.59 12.59 -0.04
C TYR A 563 -35.74 14.07 0.27
N LYS A 564 -34.66 14.83 0.13
CA LYS A 564 -34.72 16.27 0.36
C LYS A 564 -35.49 16.96 -0.75
N GLN A 565 -35.24 16.55 -1.99
CA GLN A 565 -35.95 17.10 -3.13
C GLN A 565 -37.42 16.77 -3.07
N LEU A 566 -37.77 15.61 -2.51
CA LEU A 566 -39.17 15.33 -2.22
C LEU A 566 -39.65 16.24 -1.08
N LYS A 567 -38.80 16.46 -0.08
CA LYS A 567 -39.25 17.04 1.18
C LYS A 567 -39.54 18.53 1.03
N HIS A 568 -38.80 19.23 0.18
CA HIS A 568 -39.03 20.63 -0.05
C HIS A 568 -40.13 20.91 -1.05
N ARG A 569 -40.76 19.88 -1.57
CA ARG A 569 -41.86 20.09 -2.50
C ARG A 569 -43.09 20.57 -1.76
N PRO A 570 -43.75 21.60 -2.24
CA PRO A 570 -45.07 21.98 -1.74
C PRO A 570 -46.12 21.01 -2.26
N SER A 571 -47.38 21.31 -1.93
CA SER A 571 -48.48 20.42 -2.27
C SER A 571 -48.81 20.43 -3.76
N ASP A 572 -48.20 21.32 -4.54
CA ASP A 572 -48.38 21.31 -5.99
C ASP A 572 -47.63 20.16 -6.66
N HIS A 573 -46.75 19.48 -5.93
CA HIS A 573 -45.91 18.43 -6.49
C HIS A 573 -46.36 17.09 -5.93
N SER A 574 -47.67 16.89 -5.92
CA SER A 574 -48.34 15.77 -5.25
C SER A 574 -47.95 14.40 -5.80
N TYR A 575 -47.59 14.30 -7.07
CA TYR A 575 -47.37 13.03 -7.73
C TYR A 575 -45.94 12.95 -8.23
N SER A 576 -45.30 11.79 -8.04
CA SER A 576 -43.88 11.68 -8.32
C SER A 576 -43.53 10.26 -8.72
N ASP A 577 -42.30 10.10 -9.23
CA ASP A 577 -41.74 8.81 -9.57
C ASP A 577 -40.58 8.50 -8.61
N SER A 578 -40.28 7.22 -8.42
CA SER A 578 -39.26 6.78 -7.48
C SER A 578 -38.35 5.70 -8.05
N THR A 579 -38.06 5.74 -9.34
CA THR A 579 -37.39 4.61 -9.98
C THR A 579 -35.90 4.57 -9.64
N GLU A 580 -35.26 5.73 -9.63
CA GLU A 580 -33.83 5.81 -9.39
C GLU A 580 -33.47 5.37 -7.98
N MET A 581 -34.38 5.54 -7.03
CA MET A 581 -34.16 5.01 -5.69
C MET A 581 -34.17 3.49 -5.69
N VAL A 582 -35.05 2.90 -6.49
CA VAL A 582 -35.07 1.45 -6.62
C VAL A 582 -33.80 0.96 -7.30
N LYS A 583 -33.26 1.78 -8.21
CA LYS A 583 -31.96 1.48 -8.80
C LYS A 583 -30.85 1.54 -7.75
N ILE A 584 -30.96 2.48 -6.81
CA ILE A 584 -30.01 2.55 -5.71
C ILE A 584 -30.15 1.33 -4.80
N ILE A 585 -31.37 0.80 -4.69
CA ILE A 585 -31.58 -0.46 -3.97
C ILE A 585 -30.88 -1.60 -4.69
N VAL A 586 -30.95 -1.59 -6.03
CA VAL A 586 -30.35 -2.63 -6.85
C VAL A 586 -28.83 -2.64 -6.69
N HIS A 587 -28.20 -1.49 -6.91
CA HIS A 587 -26.74 -1.43 -6.84
C HIS A 587 -26.26 -1.58 -5.41
N THR A 588 -27.12 -1.21 -4.46
CA THR A 588 -26.88 -1.43 -3.05
C THR A 588 -26.77 -2.91 -2.73
N VAL A 589 -27.76 -3.70 -3.14
CA VAL A 589 -27.72 -5.10 -2.76
C VAL A 589 -26.68 -5.86 -3.58
N GLN A 590 -26.38 -5.38 -4.80
CA GLN A 590 -25.28 -5.95 -5.58
C GLN A 590 -23.95 -5.74 -4.88
N SER A 591 -23.66 -4.49 -4.50
CA SER A 591 -22.40 -4.18 -3.84
C SER A 591 -22.30 -4.84 -2.48
N GLN A 592 -23.43 -4.99 -1.79
CA GLN A 592 -23.44 -5.63 -0.49
C GLN A 592 -23.14 -7.11 -0.62
N ASP A 593 -23.69 -7.76 -1.65
CA ASP A 593 -23.34 -9.15 -1.93
C ASP A 593 -21.86 -9.28 -2.28
N ARG A 594 -21.32 -8.30 -3.00
CA ARG A 594 -19.90 -8.33 -3.37
C ARG A 594 -19.00 -8.23 -2.15
N VAL A 595 -19.27 -7.27 -1.26
CA VAL A 595 -18.41 -7.08 -0.10
C VAL A 595 -18.64 -8.19 0.92
N LEU A 596 -19.79 -8.86 0.89
CA LEU A 596 -19.96 -10.00 1.77
C LEU A 596 -19.21 -11.21 1.25
N LYS A 597 -19.16 -11.38 -0.07
CA LYS A 597 -18.38 -12.48 -0.63
C LYS A 597 -16.90 -12.31 -0.38
N GLU A 598 -16.38 -11.11 -0.69
CA GLU A 598 -14.97 -10.81 -0.43
C GLU A 598 -14.67 -10.89 1.06
N LEU A 599 -15.59 -10.36 1.88
CA LEU A 599 -15.42 -10.34 3.33
C LEU A 599 -15.37 -11.73 3.91
N PHE A 600 -16.27 -12.61 3.47
CA PHE A 600 -16.29 -13.96 3.98
C PHE A 600 -15.10 -14.76 3.48
N GLY A 601 -14.58 -14.41 2.30
CA GLY A 601 -13.31 -14.97 1.87
C GLY A 601 -12.18 -14.58 2.81
N HIS A 602 -12.14 -13.28 3.19
CA HIS A 602 -11.15 -12.81 4.14
C HIS A 602 -11.21 -13.58 5.45
N LEU A 603 -12.37 -13.54 6.11
CA LEU A 603 -12.57 -14.19 7.41
C LEU A 603 -12.32 -15.69 7.33
N SER A 604 -12.67 -16.29 6.20
CA SER A 604 -12.41 -17.71 5.99
C SER A 604 -10.92 -18.01 6.04
N LYS A 605 -10.11 -17.23 5.31
CA LYS A 605 -8.67 -17.46 5.36
C LYS A 605 -8.07 -17.09 6.72
N LEU A 606 -8.68 -16.09 7.38
CA LEU A 606 -8.19 -15.65 8.68
C LEU A 606 -8.37 -16.71 9.74
N LEU A 607 -9.57 -17.30 9.80
CA LEU A 607 -9.82 -18.35 10.76
C LEU A 607 -9.07 -19.61 10.39
N GLY A 608 -8.82 -19.83 9.10
CA GLY A 608 -8.02 -20.97 8.69
C GLY A 608 -6.60 -20.90 9.20
N CYS A 609 -5.92 -19.78 8.94
CA CYS A 609 -4.56 -19.62 9.41
C CYS A 609 -4.51 -19.52 10.93
N LYS A 610 -5.57 -18.99 11.53
CA LYS A 610 -5.68 -18.96 12.99
C LYS A 610 -5.70 -20.37 13.55
N GLN A 611 -6.50 -21.24 12.94
CA GLN A 611 -6.53 -22.64 13.32
C GLN A 611 -5.18 -23.30 13.16
N LYS A 612 -4.45 -22.92 12.10
CA LYS A 612 -3.09 -23.43 11.89
C LYS A 612 -2.16 -23.03 13.02
N ILE A 613 -2.31 -21.79 13.50
CA ILE A 613 -1.48 -21.32 14.61
C ILE A 613 -1.82 -22.07 15.89
N ILE A 614 -3.12 -22.18 16.18
CA ILE A 614 -3.60 -22.85 17.39
C ILE A 614 -3.14 -24.31 17.41
N ASP A 615 -3.17 -24.96 16.26
CA ASP A 615 -2.66 -26.33 16.18
C ASP A 615 -1.14 -26.34 16.27
N LEU A 616 -0.49 -25.24 15.90
CA LEU A 616 0.97 -25.23 15.89
C LEU A 616 1.54 -25.10 17.31
N LEU A 617 0.85 -24.35 18.17
CA LEU A 617 1.36 -24.02 19.51
C LEU A 617 1.77 -25.20 20.41
N PRO A 618 0.97 -26.29 20.63
CA PRO A 618 1.39 -27.29 21.62
C PRO A 618 2.58 -28.12 21.16
N LYS A 619 2.79 -28.18 19.84
CA LYS A 619 3.99 -28.81 19.30
C LYS A 619 5.23 -28.07 19.76
N VAL A 620 5.21 -26.75 19.60
CA VAL A 620 6.32 -25.89 20.01
C VAL A 620 6.53 -25.97 21.51
N GLU A 621 5.42 -26.01 22.25
CA GLU A 621 5.47 -26.02 23.70
C GLU A 621 6.08 -27.32 24.23
N VAL A 622 5.60 -28.46 23.73
CA VAL A 622 6.08 -29.76 24.20
C VAL A 622 7.52 -29.98 23.76
N ALA A 623 7.85 -29.54 22.55
CA ALA A 623 9.21 -29.64 22.06
C ALA A 623 10.17 -28.83 22.93
N LEU A 624 9.76 -27.62 23.30
CA LEU A 624 10.57 -26.77 24.17
C LEU A 624 10.70 -27.38 25.55
N SER A 625 9.64 -28.04 26.02
CA SER A 625 9.69 -28.75 27.28
C SER A 625 10.71 -29.87 27.23
N ASN A 626 10.77 -30.57 26.09
CA ASN A 626 11.75 -31.64 25.91
C ASN A 626 13.15 -31.07 25.87
N ILE A 627 13.30 -29.85 25.35
CA ILE A 627 14.59 -29.17 25.39
C ILE A 627 15.02 -28.92 26.82
N LYS A 628 14.08 -28.50 27.67
CA LYS A 628 14.43 -28.29 29.08
C LYS A 628 14.70 -29.61 29.78
N GLU A 629 14.04 -30.69 29.34
CA GLU A 629 14.28 -32.02 29.88
C GLU A 629 15.70 -32.48 29.62
N ALA A 630 16.13 -32.39 28.37
CA ALA A 630 17.50 -32.78 28.03
C ALA A 630 18.50 -31.78 28.61
N ASP A 631 18.06 -30.55 28.84
CA ASP A 631 18.90 -29.56 29.51
C ASP A 631 19.28 -30.01 30.92
N ASN A 632 18.28 -30.14 31.79
CA ASN A 632 18.53 -30.50 33.18
C ASN A 632 19.08 -31.92 33.28
N THR A 633 18.67 -32.77 32.34
CA THR A 633 19.19 -34.13 32.24
C THR A 633 20.70 -34.11 32.03
N VAL A 634 21.15 -33.44 30.96
CA VAL A 634 22.57 -33.42 30.60
C VAL A 634 23.41 -32.75 31.68
N MET A 635 22.90 -31.65 32.26
CA MET A 635 23.64 -30.98 33.33
C MET A 635 23.78 -31.88 34.55
N PHE A 636 22.73 -32.64 34.86
CA PHE A 636 22.82 -33.62 35.93
C PHE A 636 23.79 -34.73 35.59
N MET A 637 23.88 -35.09 34.31
CA MET A 637 24.78 -36.15 33.88
C MET A 637 26.24 -35.72 34.03
N GLN A 638 26.53 -34.47 33.68
CA GLN A 638 27.90 -34.00 33.78
C GLN A 638 28.30 -33.84 35.23
N GLY A 639 27.39 -33.30 36.05
CA GLY A 639 27.69 -33.20 37.48
C GLY A 639 27.84 -34.56 38.13
N LYS A 640 27.09 -35.54 37.62
CA LYS A 640 27.27 -36.92 38.05
C LYS A 640 28.66 -37.42 37.69
N ARG A 641 29.13 -37.07 36.49
CA ARG A 641 30.47 -37.47 36.05
C ARG A 641 31.54 -36.83 36.94
N GLN A 642 31.33 -35.57 37.32
CA GLN A 642 32.18 -34.89 38.28
C GLN A 642 32.27 -35.67 39.58
N LYS A 643 31.10 -35.92 40.20
CA LYS A 643 31.05 -36.57 41.51
C LYS A 643 31.67 -37.94 41.50
N GLU A 644 31.49 -38.68 40.40
CA GLU A 644 32.16 -39.97 40.24
C GLU A 644 33.67 -39.82 40.22
N ILE A 645 34.16 -38.78 39.55
CA ILE A 645 35.60 -38.51 39.58
C ILE A 645 36.05 -38.15 40.98
N TRP A 646 35.18 -37.48 41.75
CA TRP A 646 35.49 -37.23 43.15
C TRP A 646 35.50 -38.52 43.97
N HIS A 647 34.69 -39.50 43.58
CA HIS A 647 34.71 -40.79 44.27
C HIS A 647 36.01 -41.52 44.01
N LEU A 648 36.47 -41.54 42.76
CA LEU A 648 37.76 -42.16 42.47
C LEU A 648 38.89 -41.37 43.10
N LEU A 649 38.68 -40.06 43.28
CA LEU A 649 39.66 -39.24 43.97
C LEU A 649 39.80 -39.66 45.43
N LYS A 650 38.67 -39.76 46.15
CA LYS A 650 38.76 -40.09 47.56
C LYS A 650 39.15 -41.54 47.77
N ILE A 651 38.87 -42.41 46.80
CA ILE A 651 39.34 -43.79 46.88
C ILE A 651 40.85 -43.84 46.69
N ALA A 652 41.37 -43.03 45.78
CA ALA A 652 42.81 -42.94 45.62
C ALA A 652 43.45 -42.25 46.82
N CYS A 653 42.70 -41.38 47.50
CA CYS A 653 43.19 -40.80 48.74
C CYS A 653 43.21 -41.84 49.85
N THR A 654 42.31 -42.81 49.79
CA THR A 654 42.28 -43.87 50.80
C THR A 654 43.48 -44.78 50.65
N GLN A 655 43.80 -45.16 49.41
CA GLN A 655 44.90 -46.06 49.15
C GLN A 655 46.23 -45.32 49.21
N PRO B 9 -6.25 -23.75 -47.98
CA PRO B 9 -7.29 -23.25 -47.08
C PRO B 9 -6.91 -21.93 -46.43
N TRP B 10 -6.55 -20.95 -47.25
CA TRP B 10 -6.09 -19.67 -46.75
C TRP B 10 -6.39 -18.59 -47.79
N GLU B 11 -6.19 -17.34 -47.38
CA GLU B 11 -6.55 -16.19 -48.20
C GLU B 11 -5.40 -15.19 -48.19
N MET B 12 -5.59 -14.11 -48.94
CA MET B 12 -4.64 -13.00 -48.94
C MET B 12 -4.74 -12.27 -47.61
N ARG B 13 -3.62 -12.12 -46.92
CA ARG B 13 -3.63 -11.43 -45.64
C ARG B 13 -3.66 -9.92 -45.82
N GLU B 14 -2.64 -9.37 -46.48
CA GLU B 14 -2.54 -7.93 -46.70
C GLU B 14 -1.63 -7.67 -47.89
N ARG B 15 -2.01 -6.69 -48.71
CA ARG B 15 -1.15 -6.25 -49.80
C ARG B 15 0.09 -5.56 -49.24
N LEU B 16 1.26 -6.19 -49.43
CA LEU B 16 2.48 -5.68 -48.82
C LEU B 16 2.98 -4.42 -49.51
N GLY B 17 3.23 -4.49 -50.81
CA GLY B 17 3.74 -3.35 -51.53
C GLY B 17 3.51 -3.39 -53.02
N THR B 18 4.40 -2.75 -53.77
CA THR B 18 4.27 -2.66 -55.22
C THR B 18 5.59 -3.12 -55.84
N GLY B 19 5.65 -3.07 -57.16
CA GLY B 19 6.88 -3.43 -57.85
C GLY B 19 6.70 -3.34 -59.35
N GLY B 20 7.81 -3.52 -60.06
CA GLY B 20 7.78 -3.45 -61.51
C GLY B 20 7.06 -4.63 -62.13
N PHE B 21 7.21 -5.82 -61.55
CA PHE B 21 6.42 -6.96 -61.97
C PHE B 21 4.97 -6.81 -61.51
N GLY B 22 4.77 -6.14 -60.39
CA GLY B 22 3.42 -5.88 -59.93
C GLY B 22 3.40 -5.72 -58.42
N ASN B 23 2.19 -5.69 -57.87
CA ASN B 23 2.02 -5.44 -56.46
C ASN B 23 2.38 -6.68 -55.64
N VAL B 24 2.82 -6.45 -54.41
CA VAL B 24 3.24 -7.50 -53.51
C VAL B 24 2.14 -7.70 -52.48
N CYS B 25 1.72 -8.95 -52.28
CA CYS B 25 0.71 -9.28 -51.30
C CYS B 25 1.27 -10.26 -50.28
N LEU B 26 1.33 -9.82 -49.02
CA LEU B 26 1.72 -10.68 -47.91
C LEU B 26 0.56 -11.61 -47.59
N TYR B 27 0.85 -12.89 -47.51
CA TYR B 27 -0.16 -13.90 -47.25
C TYR B 27 -0.01 -14.45 -45.84
N GLN B 28 -1.09 -15.06 -45.33
CA GLN B 28 -1.03 -15.77 -44.05
C GLN B 28 -2.14 -16.81 -44.02
N HIS B 29 -1.82 -18.01 -43.54
CA HIS B 29 -2.79 -19.06 -43.29
C HIS B 29 -3.12 -19.07 -41.81
N ARG B 30 -4.30 -18.54 -41.46
CA ARG B 30 -4.71 -18.30 -40.07
C ARG B 30 -4.66 -19.56 -39.21
N GLU B 31 -4.90 -20.72 -39.81
CA GLU B 31 -4.76 -21.97 -39.09
C GLU B 31 -3.29 -22.36 -38.90
N LEU B 32 -2.38 -21.83 -39.72
CA LEU B 32 -0.97 -22.25 -39.68
C LEU B 32 0.04 -21.10 -39.68
N ASP B 33 -0.41 -19.85 -39.86
CA ASP B 33 0.44 -18.64 -39.91
C ASP B 33 1.48 -18.74 -41.03
N LEU B 34 1.04 -19.19 -42.20
CA LEU B 34 1.93 -19.36 -43.36
C LEU B 34 2.20 -17.99 -43.96
N LYS B 35 3.14 -17.26 -43.35
CA LYS B 35 3.49 -15.94 -43.84
C LYS B 35 4.41 -16.05 -45.05
N ILE B 36 4.03 -15.35 -46.13
CA ILE B 36 4.89 -15.20 -47.29
C ILE B 36 4.47 -13.95 -48.06
N ALA B 37 5.45 -13.17 -48.48
CA ALA B 37 5.22 -12.08 -49.40
C ALA B 37 5.34 -12.60 -50.82
N ILE B 38 4.31 -12.36 -51.62
CA ILE B 38 4.29 -12.77 -53.01
C ILE B 38 4.03 -11.54 -53.87
N LYS B 39 5.01 -11.18 -54.68
CA LYS B 39 4.82 -10.13 -55.67
C LYS B 39 3.95 -10.66 -56.79
N SER B 40 2.71 -10.18 -56.86
CA SER B 40 1.78 -10.61 -57.88
C SER B 40 2.08 -9.88 -59.18
N CYS B 41 1.33 -10.24 -60.22
CA CYS B 41 1.46 -9.58 -61.52
C CYS B 41 0.32 -8.57 -61.67
N ARG B 42 0.69 -7.29 -61.70
CA ARG B 42 -0.31 -6.23 -61.85
C ARG B 42 0.04 -5.33 -63.01
N LEU B 43 1.33 -5.28 -63.36
CA LEU B 43 1.81 -4.34 -64.36
C LEU B 43 1.78 -4.88 -65.78
N GLU B 44 1.49 -6.18 -65.95
CA GLU B 44 1.55 -6.89 -67.23
C GLU B 44 2.91 -6.69 -67.91
N LEU B 45 3.93 -7.19 -67.25
CA LEU B 45 5.31 -6.84 -67.57
C LEU B 45 5.74 -7.47 -68.89
N SER B 46 6.62 -6.78 -69.60
CA SER B 46 7.17 -7.27 -70.85
C SER B 46 7.99 -8.54 -70.60
N THR B 47 8.01 -9.41 -71.61
CA THR B 47 8.55 -10.76 -71.44
C THR B 47 10.07 -10.74 -71.25
N LYS B 48 10.74 -9.69 -71.72
CA LYS B 48 12.16 -9.53 -71.43
C LYS B 48 12.39 -9.29 -69.94
N ASN B 49 11.65 -8.34 -69.36
CA ASN B 49 11.72 -8.14 -67.92
C ASN B 49 10.96 -9.20 -67.13
N ARG B 50 10.12 -10.02 -67.77
CA ARG B 50 9.60 -11.20 -67.09
C ARG B 50 10.67 -12.26 -66.94
N GLU B 51 11.47 -12.47 -67.98
CA GLU B 51 12.62 -13.37 -67.86
C GLU B 51 13.63 -12.82 -66.88
N ARG B 52 13.84 -11.50 -66.87
CA ARG B 52 14.69 -10.88 -65.85
C ARG B 52 14.04 -10.96 -64.48
N TRP B 53 12.71 -11.05 -64.41
CA TRP B 53 12.03 -11.21 -63.14
C TRP B 53 12.25 -12.59 -62.57
N CYS B 54 12.24 -13.62 -63.44
CA CYS B 54 12.56 -14.96 -62.95
C CYS B 54 14.04 -15.11 -62.67
N HIS B 55 14.88 -14.31 -63.35
CA HIS B 55 16.27 -14.17 -62.94
C HIS B 55 16.36 -13.61 -61.52
N GLU B 56 15.51 -12.63 -61.22
CA GLU B 56 15.44 -12.06 -59.88
C GLU B 56 14.89 -13.08 -58.88
N ILE B 57 14.07 -14.03 -59.36
CA ILE B 57 13.63 -15.14 -58.52
C ILE B 57 14.80 -16.05 -58.18
N GLN B 58 15.64 -16.34 -59.18
CA GLN B 58 16.77 -17.23 -58.95
C GLN B 58 17.83 -16.56 -58.08
N ILE B 59 17.93 -15.24 -58.14
CA ILE B 59 18.93 -14.52 -57.36
C ILE B 59 18.44 -14.28 -55.95
N MET B 60 17.15 -13.94 -55.79
CA MET B 60 16.61 -13.72 -54.45
C MET B 60 16.42 -15.03 -53.70
N LYS B 61 16.10 -16.12 -54.40
CA LYS B 61 16.13 -17.42 -53.76
C LYS B 61 17.56 -17.92 -53.62
N LYS B 62 18.46 -17.39 -54.43
CA LYS B 62 19.90 -17.57 -54.24
C LYS B 62 20.41 -16.68 -53.11
N LEU B 98 10.46 0.33 -42.49
CA LEU B 98 11.30 1.14 -41.61
C LEU B 98 10.89 2.59 -41.66
N ARG B 99 10.51 3.04 -42.86
CA ARG B 99 10.02 4.39 -43.04
C ARG B 99 8.75 4.63 -42.23
N LYS B 100 7.96 3.58 -42.02
CA LYS B 100 6.83 3.63 -41.09
C LYS B 100 7.29 3.97 -39.69
N LEU B 101 8.37 3.35 -39.22
CA LEU B 101 8.89 3.66 -37.90
C LEU B 101 9.50 5.04 -37.88
N LEU B 102 10.05 5.47 -39.02
CA LEU B 102 10.60 6.81 -39.15
C LEU B 102 9.53 7.88 -39.01
N ASN B 103 8.33 7.59 -39.49
CA ASN B 103 7.29 8.60 -39.47
C ASN B 103 6.54 8.62 -38.16
N LYS B 104 6.92 7.78 -37.20
CA LYS B 104 6.41 7.91 -35.84
C LYS B 104 6.90 9.21 -35.24
N PRO B 105 6.01 10.00 -34.61
CA PRO B 105 6.38 11.35 -34.12
C PRO B 105 7.44 11.35 -33.04
N GLU B 106 7.54 10.26 -32.28
CA GLU B 106 8.69 10.10 -31.39
C GLU B 106 9.97 10.01 -32.19
N ASN B 107 9.94 9.27 -33.30
CA ASN B 107 11.16 8.99 -34.03
C ASN B 107 11.55 10.12 -34.97
N CYS B 108 10.67 11.10 -35.18
CA CYS B 108 10.94 12.15 -36.17
C CYS B 108 12.09 13.07 -35.73
N CYS B 109 12.41 13.08 -34.44
CA CYS B 109 13.55 13.80 -33.91
C CYS B 109 14.87 13.16 -34.34
N GLY B 110 14.90 11.85 -34.48
CA GLY B 110 16.09 11.04 -34.66
C GLY B 110 16.01 9.77 -33.83
N LEU B 111 16.83 8.80 -34.19
CA LEU B 111 16.71 7.50 -33.55
C LEU B 111 17.64 7.40 -32.35
N LYS B 112 17.53 6.28 -31.64
CA LYS B 112 18.39 6.03 -30.50
C LYS B 112 19.80 5.67 -30.93
N GLU B 113 20.67 5.60 -29.93
CA GLU B 113 22.08 5.28 -30.17
C GLU B 113 22.22 3.85 -30.67
N SER B 114 21.81 2.89 -29.84
CA SER B 114 21.93 1.47 -30.16
C SER B 114 21.06 1.06 -31.34
N GLN B 115 20.01 1.81 -31.64
CA GLN B 115 19.23 1.54 -32.85
C GLN B 115 20.03 1.84 -34.10
N ILE B 116 20.71 3.00 -34.12
CA ILE B 116 21.54 3.37 -35.25
C ILE B 116 22.74 2.44 -35.35
N LEU B 117 23.29 2.06 -34.21
CA LEU B 117 24.42 1.12 -34.19
C LEU B 117 24.03 -0.24 -34.75
N SER B 118 22.90 -0.77 -34.29
CA SER B 118 22.41 -2.05 -34.81
C SER B 118 22.03 -1.94 -36.27
N LEU B 119 21.64 -0.74 -36.71
CA LEU B 119 21.39 -0.53 -38.12
C LEU B 119 22.68 -0.59 -38.92
N LEU B 120 23.75 -0.04 -38.35
CA LEU B 120 25.07 -0.15 -38.97
C LEU B 120 25.54 -1.59 -39.02
N SER B 121 25.19 -2.38 -38.02
CA SER B 121 25.59 -3.78 -37.99
C SER B 121 24.83 -4.59 -39.02
N ASP B 122 23.51 -4.52 -39.00
CA ASP B 122 22.68 -5.30 -39.90
C ASP B 122 22.89 -4.86 -41.35
N ILE B 123 22.78 -3.57 -41.60
CA ILE B 123 22.81 -3.10 -42.98
C ILE B 123 24.25 -2.99 -43.47
N GLY B 124 25.17 -2.66 -42.58
CA GLY B 124 26.58 -2.65 -42.90
C GLY B 124 27.07 -4.03 -43.27
N SER B 125 26.80 -5.01 -42.42
CA SER B 125 27.16 -6.40 -42.70
C SER B 125 26.41 -6.93 -43.92
N GLY B 126 25.18 -6.47 -44.11
CA GLY B 126 24.40 -6.94 -45.25
C GLY B 126 24.98 -6.46 -46.57
N ILE B 127 25.34 -5.17 -46.66
CA ILE B 127 25.90 -4.68 -47.90
C ILE B 127 27.33 -5.15 -48.08
N ARG B 128 28.03 -5.50 -47.00
CA ARG B 128 29.31 -6.19 -47.15
C ARG B 128 29.11 -7.54 -47.81
N TYR B 129 28.08 -8.27 -47.37
CA TYR B 129 27.74 -9.56 -47.97
C TYR B 129 27.31 -9.39 -49.42
N LEU B 130 26.58 -8.31 -49.73
CA LEU B 130 26.11 -8.11 -51.08
C LEU B 130 27.24 -7.68 -52.02
N HIS B 131 28.20 -6.93 -51.49
CA HIS B 131 29.34 -6.54 -52.31
C HIS B 131 30.32 -7.70 -52.46
N GLU B 132 30.23 -8.69 -51.57
CA GLU B 132 30.91 -9.94 -51.86
C GLU B 132 30.21 -10.71 -52.96
N ASN B 133 28.89 -10.58 -53.08
CA ASN B 133 28.13 -11.28 -54.09
C ASN B 133 27.99 -10.51 -55.39
N LYS B 134 28.77 -9.43 -55.56
CA LYS B 134 28.76 -8.55 -56.75
C LYS B 134 27.39 -7.97 -57.04
N ILE B 135 26.66 -7.59 -55.99
CA ILE B 135 25.27 -7.16 -56.12
C ILE B 135 25.21 -5.66 -55.91
N ILE B 136 24.56 -4.95 -56.82
CA ILE B 136 24.20 -3.56 -56.65
C ILE B 136 22.68 -3.47 -56.70
N HIS B 137 22.06 -3.10 -55.56
CA HIS B 137 20.61 -3.13 -55.46
C HIS B 137 19.97 -2.00 -56.25
N ARG B 138 20.61 -0.82 -56.25
CA ARG B 138 20.15 0.46 -56.80
C ARG B 138 18.88 0.96 -56.14
N ASP B 139 18.45 0.37 -55.03
CA ASP B 139 17.11 0.64 -54.51
C ASP B 139 17.18 0.74 -52.98
N LEU B 140 18.17 1.45 -52.46
CA LEU B 140 18.36 1.54 -51.01
C LEU B 140 17.42 2.60 -50.44
N LYS B 141 16.52 2.18 -49.57
CA LYS B 141 15.56 3.07 -48.93
C LYS B 141 15.03 2.36 -47.69
N PRO B 142 14.53 3.10 -46.69
CA PRO B 142 13.93 2.43 -45.52
C PRO B 142 12.65 1.70 -45.86
N GLU B 143 12.02 2.07 -46.96
CA GLU B 143 10.90 1.31 -47.49
C GLU B 143 11.33 -0.08 -47.97
N ASN B 144 12.63 -0.28 -48.23
CA ASN B 144 13.18 -1.60 -48.52
C ASN B 144 13.86 -2.24 -47.33
N ILE B 145 13.45 -1.91 -46.11
CA ILE B 145 14.05 -2.49 -44.92
C ILE B 145 12.99 -3.23 -44.14
N VAL B 146 13.17 -4.53 -44.00
CA VAL B 146 12.25 -5.37 -43.25
C VAL B 146 12.74 -5.43 -41.81
N LEU B 147 11.83 -5.24 -40.87
CA LEU B 147 12.17 -5.29 -39.46
C LEU B 147 11.78 -6.64 -38.89
N GLN B 148 12.76 -7.35 -38.36
CA GLN B 148 12.52 -8.65 -37.74
C GLN B 148 12.85 -8.58 -36.27
N ASP B 149 11.80 -8.67 -35.44
CA ASP B 149 11.95 -8.63 -33.99
C ASP B 149 12.23 -10.05 -33.49
N VAL B 150 13.50 -10.32 -33.23
CA VAL B 150 13.88 -11.56 -32.56
C VAL B 150 14.12 -11.24 -31.09
N GLY B 151 13.05 -11.32 -30.29
CA GLY B 151 13.13 -11.12 -28.86
C GLY B 151 13.68 -9.77 -28.41
N GLY B 152 13.51 -8.74 -29.22
CA GLY B 152 14.17 -7.47 -29.00
C GLY B 152 15.26 -7.16 -30.00
N LYS B 153 15.99 -8.17 -30.48
CA LYS B 153 17.03 -7.95 -31.48
C LYS B 153 16.35 -7.69 -32.82
N ILE B 154 16.40 -6.42 -33.24
CA ILE B 154 15.69 -6.04 -34.45
C ILE B 154 16.59 -6.26 -35.65
N ILE B 155 16.47 -7.43 -36.26
CA ILE B 155 17.28 -7.81 -37.41
C ILE B 155 16.70 -7.15 -38.64
N HIS B 156 17.54 -6.40 -39.34
CA HIS B 156 17.13 -5.70 -40.54
C HIS B 156 17.67 -6.43 -41.76
N LYS B 157 16.83 -6.58 -42.78
CA LYS B 157 17.20 -7.31 -43.98
C LYS B 157 16.95 -6.45 -45.21
N ILE B 158 17.41 -6.92 -46.35
CA ILE B 158 17.39 -6.14 -47.58
C ILE B 158 16.37 -6.75 -48.53
N ILE B 159 15.55 -5.89 -49.13
CA ILE B 159 14.58 -6.30 -50.14
C ILE B 159 14.45 -5.22 -51.21
N THR B 179 11.06 7.25 -55.96
CA THR B 179 11.67 8.03 -54.89
C THR B 179 13.05 8.52 -55.32
N LEU B 180 13.25 9.84 -55.30
CA LEU B 180 14.42 10.42 -55.93
C LEU B 180 15.51 10.84 -54.94
N GLN B 181 15.17 11.03 -53.67
CA GLN B 181 16.17 11.45 -52.70
C GLN B 181 17.18 10.34 -52.39
N TYR B 182 16.79 9.08 -52.60
CA TYR B 182 17.73 7.98 -52.53
C TYR B 182 18.32 7.65 -53.88
N LEU B 183 17.77 8.21 -54.95
CA LEU B 183 18.35 8.06 -56.27
C LEU B 183 19.65 8.86 -56.32
N ALA B 184 20.74 8.18 -56.66
CA ALA B 184 22.03 8.85 -56.73
C ALA B 184 22.05 9.86 -57.87
N PRO B 185 22.83 10.94 -57.73
CA PRO B 185 22.95 11.91 -58.84
C PRO B 185 23.49 11.31 -60.11
N GLU B 186 24.30 10.26 -60.00
CA GLU B 186 24.74 9.52 -61.17
C GLU B 186 23.61 8.66 -61.71
N LEU B 187 22.74 8.17 -60.83
CA LEU B 187 21.52 7.49 -61.29
C LEU B 187 20.50 8.51 -61.78
N PHE B 188 20.52 9.71 -61.20
CA PHE B 188 19.58 10.76 -61.57
C PHE B 188 19.82 11.25 -63.00
N GLU B 189 21.05 11.09 -63.47
CA GLU B 189 21.41 11.42 -64.85
C GLU B 189 21.92 10.20 -65.61
N ASN B 190 21.74 9.00 -65.05
CA ASN B 190 21.98 7.70 -65.71
C ASN B 190 23.44 7.56 -66.15
N LYS B 191 24.33 7.51 -65.19
CA LYS B 191 25.78 7.46 -65.37
C LYS B 191 26.31 6.07 -65.04
N PRO B 192 27.58 5.78 -65.37
CA PRO B 192 28.18 4.52 -64.89
C PRO B 192 28.24 4.44 -63.37
N TYR B 193 27.87 3.26 -62.86
CA TYR B 193 27.54 3.10 -61.45
C TYR B 193 28.43 2.04 -60.82
N THR B 194 28.42 2.03 -59.50
CA THR B 194 29.17 1.06 -58.69
C THR B 194 28.53 1.01 -57.32
N ALA B 195 29.25 0.42 -56.36
CA ALA B 195 28.73 0.29 -55.00
C ALA B 195 28.74 1.61 -54.24
N THR B 196 29.46 2.61 -54.74
CA THR B 196 29.51 3.89 -54.05
C THR B 196 28.19 4.64 -54.16
N VAL B 197 27.39 4.31 -55.17
CA VAL B 197 26.00 4.73 -55.22
C VAL B 197 25.25 4.27 -53.97
N ASP B 198 25.38 2.99 -53.64
CA ASP B 198 24.69 2.46 -52.48
C ASP B 198 25.36 2.94 -51.19
N TYR B 199 26.62 3.33 -51.28
CA TYR B 199 27.24 4.06 -50.18
C TYR B 199 26.56 5.40 -49.98
N TRP B 200 26.31 6.12 -51.07
CA TRP B 200 25.70 7.44 -51.01
C TRP B 200 24.32 7.37 -50.38
N SER B 201 23.53 6.39 -50.81
CA SER B 201 22.22 6.19 -50.20
C SER B 201 22.35 5.68 -48.77
N PHE B 202 23.44 4.96 -48.47
CA PHE B 202 23.61 4.42 -47.13
C PHE B 202 23.84 5.51 -46.11
N GLY B 203 24.88 6.34 -46.33
CA GLY B 203 25.14 7.44 -45.42
C GLY B 203 24.04 8.48 -45.45
N THR B 204 23.37 8.60 -46.60
CA THR B 204 22.15 9.39 -46.70
C THR B 204 21.11 8.96 -45.69
N MET B 205 20.76 7.67 -45.72
CA MET B 205 19.68 7.16 -44.88
C MET B 205 20.08 7.15 -43.41
N VAL B 206 21.35 6.84 -43.14
CA VAL B 206 21.81 6.79 -41.75
C VAL B 206 21.86 8.19 -41.16
N PHE B 207 22.17 9.19 -41.98
CA PHE B 207 22.03 10.57 -41.51
C PHE B 207 20.57 10.90 -41.28
N GLU B 208 19.68 10.35 -42.10
CA GLU B 208 18.26 10.64 -41.91
C GLU B 208 17.73 9.93 -40.65
N CYS B 209 18.46 8.92 -40.17
CA CYS B 209 18.07 8.25 -38.93
C CYS B 209 18.26 9.13 -37.70
N ILE B 210 19.13 10.13 -37.79
CA ILE B 210 19.32 11.04 -36.68
C ILE B 210 18.75 12.44 -36.96
N ALA B 211 18.69 12.86 -38.22
CA ALA B 211 18.10 14.16 -38.51
C ALA B 211 16.58 14.09 -38.47
N GLY B 212 16.01 13.00 -38.97
CA GLY B 212 14.62 12.97 -39.29
C GLY B 212 14.30 13.52 -40.67
N TYR B 213 15.32 13.80 -41.48
CA TYR B 213 15.14 14.40 -42.80
C TYR B 213 16.39 14.17 -43.62
N ARG B 214 16.31 14.55 -44.90
CA ARG B 214 17.34 14.23 -45.87
C ARG B 214 18.61 15.05 -45.58
N PRO B 215 19.78 14.55 -45.99
CA PRO B 215 21.02 15.25 -45.66
C PRO B 215 21.28 16.52 -46.43
N PHE B 216 20.40 16.95 -47.33
CA PHE B 216 20.76 18.05 -48.20
C PHE B 216 19.48 18.75 -48.64
N LEU B 217 19.24 19.95 -48.11
CA LEU B 217 18.23 20.90 -48.60
C LEU B 217 16.84 20.27 -48.63
N HIS B 218 16.33 20.03 -47.43
CA HIS B 218 15.14 19.21 -47.25
C HIS B 218 13.90 19.86 -47.88
N HIS B 219 13.14 19.04 -48.61
CA HIS B 219 12.04 19.39 -49.49
C HIS B 219 12.45 20.31 -50.63
N LEU B 220 13.61 20.06 -51.25
CA LEU B 220 13.93 20.74 -52.50
C LEU B 220 13.75 19.76 -53.65
N GLN B 221 13.23 20.26 -54.76
CA GLN B 221 12.91 19.46 -55.94
C GLN B 221 14.19 18.96 -56.60
N PRO B 222 14.33 17.64 -56.83
CA PRO B 222 15.62 17.05 -57.23
C PRO B 222 16.18 17.52 -58.56
N PHE B 223 15.34 18.15 -59.41
CA PHE B 223 15.80 18.63 -60.71
C PHE B 223 16.83 19.75 -60.58
N THR B 224 16.74 20.55 -59.52
CA THR B 224 17.79 21.50 -59.17
C THR B 224 18.45 21.18 -57.84
N TRP B 225 17.83 20.32 -57.03
CA TRP B 225 18.45 19.89 -55.79
C TRP B 225 19.68 19.04 -56.06
N HIS B 226 19.63 18.19 -57.09
CA HIS B 226 20.85 17.49 -57.51
C HIS B 226 21.87 18.46 -58.12
N GLU B 227 21.40 19.55 -58.72
CA GLU B 227 22.33 20.55 -59.21
C GLU B 227 23.00 21.29 -58.07
N LYS B 228 22.31 21.43 -56.93
CA LYS B 228 22.94 21.93 -55.73
C LYS B 228 23.86 20.89 -55.11
N ILE B 229 23.54 19.60 -55.29
CA ILE B 229 24.41 18.51 -54.85
C ILE B 229 25.73 18.56 -55.61
N LYS B 230 25.69 18.97 -56.89
CA LYS B 230 26.92 19.15 -57.65
C LYS B 230 27.77 20.31 -57.14
N LYS B 231 27.20 21.20 -56.32
CA LYS B 231 27.95 22.30 -55.75
C LYS B 231 28.27 22.13 -54.26
N LYS B 232 28.31 20.90 -53.78
CA LYS B 232 28.58 20.66 -52.37
C LYS B 232 30.08 20.68 -52.09
N ASP B 233 30.47 21.34 -51.01
CA ASP B 233 31.80 21.22 -50.45
C ASP B 233 32.00 19.78 -49.98
N PRO B 234 32.93 19.02 -50.56
CA PRO B 234 33.04 17.59 -50.22
C PRO B 234 33.51 17.33 -48.80
N LYS B 235 34.33 18.20 -48.23
CA LYS B 235 34.71 18.05 -46.83
C LYS B 235 33.59 18.43 -45.88
N CYS B 236 32.63 19.21 -46.34
CA CYS B 236 31.39 19.43 -45.60
C CYS B 236 30.45 18.27 -45.84
N ILE B 237 29.53 18.08 -44.89
CA ILE B 237 28.64 16.93 -44.91
C ILE B 237 27.17 17.33 -44.97
N PHE B 238 26.78 18.49 -44.46
CA PHE B 238 25.38 18.84 -44.27
C PHE B 238 25.13 20.24 -44.81
N ALA B 239 24.03 20.41 -45.53
CA ALA B 239 23.59 21.72 -45.95
C ALA B 239 22.31 22.09 -45.24
N CYS B 240 22.25 23.32 -44.73
CA CYS B 240 21.03 23.87 -44.16
C CYS B 240 20.65 25.11 -44.96
N GLU B 241 19.36 25.35 -45.10
CA GLU B 241 18.85 26.53 -45.78
C GLU B 241 18.06 27.38 -44.80
N GLU B 242 18.34 28.68 -44.79
CA GLU B 242 17.62 29.59 -43.92
C GLU B 242 16.25 29.91 -44.51
N MET B 243 15.45 30.63 -43.72
CA MET B 243 14.12 31.01 -44.19
C MET B 243 14.17 32.11 -45.24
N SER B 244 15.31 32.80 -45.36
CA SER B 244 15.55 33.69 -46.48
C SER B 244 16.09 32.96 -47.70
N GLY B 245 16.28 31.65 -47.62
CA GLY B 245 16.84 30.88 -48.71
C GLY B 245 18.35 30.77 -48.70
N GLU B 246 18.99 31.15 -47.59
CA GLU B 246 20.44 31.16 -47.53
C GLU B 246 20.99 29.74 -47.49
N VAL B 247 21.65 29.35 -48.58
CA VAL B 247 22.27 28.03 -48.69
C VAL B 247 23.62 28.09 -48.00
N ARG B 248 23.75 27.35 -46.90
CA ARG B 248 25.01 27.23 -46.19
C ARG B 248 25.35 25.76 -46.06
N PHE B 249 26.60 25.48 -45.72
CA PHE B 249 27.09 24.12 -45.57
C PHE B 249 27.54 23.90 -44.14
N SER B 250 27.62 22.64 -43.75
CA SER B 250 28.16 22.25 -42.45
C SER B 250 28.95 20.97 -42.61
N SER B 251 30.16 20.96 -42.06
CA SER B 251 30.92 19.74 -41.88
C SER B 251 30.65 19.11 -40.52
N HIS B 252 29.61 19.56 -39.84
CA HIS B 252 29.26 19.07 -38.52
C HIS B 252 27.88 18.45 -38.55
N LEU B 253 27.59 17.70 -37.51
CA LEU B 253 26.25 17.19 -37.30
C LEU B 253 25.33 18.32 -36.84
N PRO B 254 24.08 18.37 -37.30
CA PRO B 254 23.10 19.24 -36.66
C PRO B 254 22.89 18.84 -35.20
N GLN B 255 22.71 19.87 -34.36
CA GLN B 255 22.89 19.69 -32.92
C GLN B 255 21.86 18.77 -32.24
N PRO B 256 20.53 18.82 -32.51
CA PRO B 256 19.65 17.85 -31.83
C PRO B 256 19.84 16.41 -32.29
N ASN B 257 20.90 15.77 -31.81
CA ASN B 257 21.11 14.34 -32.01
C ASN B 257 20.69 13.61 -30.75
N SER B 258 21.08 12.34 -30.68
CA SER B 258 20.97 11.56 -29.46
C SER B 258 22.24 10.73 -29.29
N LEU B 259 23.35 11.26 -29.79
CA LEU B 259 24.56 10.48 -29.92
C LEU B 259 25.70 11.11 -29.11
N CYS B 260 26.71 10.28 -28.82
CA CYS B 260 27.86 10.70 -28.05
C CYS B 260 28.99 11.08 -28.99
N SER B 261 29.63 12.22 -28.71
CA SER B 261 30.59 12.84 -29.63
C SER B 261 31.79 11.95 -29.93
N LEU B 262 32.14 11.10 -28.97
CA LEU B 262 33.32 10.25 -29.02
C LEU B 262 33.30 9.33 -30.23
N ILE B 263 32.13 8.87 -30.62
CA ILE B 263 31.99 8.19 -31.90
C ILE B 263 31.51 9.10 -33.00
N VAL B 264 30.93 10.27 -32.69
CA VAL B 264 30.37 11.13 -33.73
C VAL B 264 31.46 11.68 -34.63
N GLU B 265 32.60 12.08 -34.06
CA GLU B 265 33.66 12.64 -34.89
C GLU B 265 34.30 11.65 -35.87
N PRO B 266 34.57 10.37 -35.52
CA PRO B 266 34.89 9.42 -36.60
C PRO B 266 33.71 9.14 -37.51
N MET B 267 32.49 9.23 -37.00
CA MET B 267 31.34 9.15 -37.89
C MET B 267 31.17 10.43 -38.70
N GLU B 268 31.70 11.56 -38.19
CA GLU B 268 31.71 12.79 -38.97
C GLU B 268 32.63 12.67 -40.18
N ASN B 269 33.85 12.17 -39.97
CA ASN B 269 34.75 11.95 -41.09
C ASN B 269 34.25 10.83 -41.98
N TRP B 270 33.56 9.86 -41.38
CA TRP B 270 32.87 8.83 -42.14
C TRP B 270 31.83 9.45 -43.05
N LEU B 271 31.12 10.47 -42.56
CA LEU B 271 30.21 11.21 -43.41
C LEU B 271 30.94 12.04 -44.45
N GLN B 272 32.18 12.44 -44.14
CA GLN B 272 32.97 13.15 -45.14
C GLN B 272 33.38 12.23 -46.27
N LEU B 273 33.53 10.94 -45.98
CA LEU B 273 33.84 9.99 -47.05
C LEU B 273 32.59 9.53 -47.78
N MET B 274 31.52 9.25 -47.04
CA MET B 274 30.39 8.52 -47.59
C MET B 274 29.47 9.41 -48.42
N LEU B 275 29.66 10.72 -48.36
CA LEU B 275 28.76 11.63 -49.04
C LEU B 275 29.49 12.62 -49.95
N ASN B 276 30.69 12.30 -50.39
CA ASN B 276 31.30 13.06 -51.47
C ASN B 276 30.62 12.66 -52.76
N TRP B 277 30.21 13.64 -53.56
CA TRP B 277 29.45 13.32 -54.76
C TRP B 277 30.33 12.85 -55.91
N ASP B 278 31.63 12.82 -55.74
CA ASP B 278 32.51 12.13 -56.67
C ASP B 278 32.45 10.64 -56.34
N PRO B 279 31.98 9.79 -57.27
CA PRO B 279 31.85 8.36 -56.94
C PRO B 279 33.18 7.64 -56.78
N GLN B 280 34.23 8.11 -57.45
CA GLN B 280 35.56 7.53 -57.26
C GLN B 280 36.19 7.94 -55.93
N GLN B 281 35.65 8.97 -55.28
CA GLN B 281 36.12 9.42 -53.98
C GLN B 281 35.22 8.97 -52.84
N ARG B 282 33.97 8.66 -53.13
CA ARG B 282 32.98 8.29 -52.12
C ARG B 282 33.27 6.87 -51.65
N GLY B 283 33.83 6.74 -50.45
CA GLY B 283 34.38 5.46 -50.05
C GLY B 283 35.61 5.08 -50.82
N GLY B 284 36.35 6.07 -51.33
CA GLY B 284 37.44 5.86 -52.26
C GLY B 284 38.63 5.06 -51.75
N PRO B 285 39.28 5.51 -50.43
CA PRO B 285 40.47 4.78 -49.96
C PRO B 285 40.16 3.35 -49.52
N VAL B 286 39.99 2.48 -50.52
CA VAL B 286 39.69 1.08 -50.30
C VAL B 286 40.99 0.35 -50.01
N ASP B 287 41.12 -0.14 -48.78
CA ASP B 287 42.26 -0.94 -48.40
C ASP B 287 42.09 -2.34 -48.98
N LEU B 288 42.93 -2.70 -49.94
CA LEU B 288 42.88 -4.05 -50.49
C LEU B 288 43.50 -5.08 -49.56
N THR B 289 44.11 -4.63 -48.45
CA THR B 289 44.47 -5.56 -47.38
C THR B 289 43.22 -6.25 -46.83
N LEU B 290 42.15 -5.50 -46.64
CA LEU B 290 40.95 -6.05 -46.04
C LEU B 290 39.70 -5.93 -46.92
N LYS B 291 39.85 -5.58 -48.20
CA LYS B 291 38.76 -5.45 -49.18
C LYS B 291 37.68 -4.46 -48.72
N GLN B 292 38.11 -3.39 -48.05
CA GLN B 292 37.19 -2.44 -47.48
C GLN B 292 37.70 -1.02 -47.65
N PRO B 293 36.81 -0.04 -47.76
CA PRO B 293 37.23 1.36 -47.61
C PRO B 293 37.55 1.67 -46.17
N ARG B 294 38.07 2.88 -45.94
CA ARG B 294 38.24 3.39 -44.59
C ARG B 294 36.91 3.55 -43.89
N CYS B 295 35.84 3.71 -44.66
CA CYS B 295 34.47 3.68 -44.15
C CYS B 295 34.20 2.41 -43.36
N PHE B 296 34.45 1.26 -43.98
CA PHE B 296 34.18 0.00 -43.30
C PHE B 296 35.22 -0.28 -42.21
N VAL B 297 36.40 0.34 -42.32
CA VAL B 297 37.38 0.28 -41.25
C VAL B 297 36.82 0.97 -40.01
N LEU B 298 36.27 2.18 -40.20
CA LEU B 298 35.68 2.91 -39.08
C LEU B 298 34.43 2.23 -38.56
N MET B 299 33.70 1.55 -39.44
CA MET B 299 32.54 0.79 -38.96
C MET B 299 32.99 -0.40 -38.13
N ASP B 300 34.09 -1.04 -38.52
CA ASP B 300 34.62 -2.15 -37.75
C ASP B 300 35.14 -1.68 -36.41
N HIS B 301 35.71 -0.47 -36.37
CA HIS B 301 36.17 0.08 -35.10
C HIS B 301 35.00 0.44 -34.20
N ILE B 302 34.06 1.21 -34.73
CA ILE B 302 33.01 1.81 -33.90
C ILE B 302 32.01 0.76 -33.46
N LEU B 303 31.71 -0.21 -34.32
CA LEU B 303 30.75 -1.24 -33.96
C LEU B 303 31.30 -2.24 -32.95
N ASN B 304 32.60 -2.17 -32.66
CA ASN B 304 33.17 -2.92 -31.55
C ASN B 304 33.76 -2.00 -30.49
N LEU B 305 33.59 -0.70 -30.64
CA LEU B 305 34.20 0.28 -29.74
C LEU B 305 33.44 0.29 -28.42
N LYS B 306 34.04 -0.29 -27.39
CA LYS B 306 33.40 -0.42 -26.10
C LYS B 306 33.40 0.92 -25.39
N ILE B 307 32.21 1.39 -25.02
CA ILE B 307 32.05 2.64 -24.29
C ILE B 307 31.15 2.40 -23.09
N VAL B 308 31.67 2.66 -21.91
CA VAL B 308 30.87 2.62 -20.70
C VAL B 308 30.27 3.99 -20.46
N HIS B 309 28.95 4.04 -20.40
CA HIS B 309 28.22 5.27 -20.11
C HIS B 309 27.89 5.28 -18.63
N ILE B 310 28.18 6.38 -17.96
CA ILE B 310 27.97 6.48 -16.53
C ILE B 310 27.21 7.76 -16.23
N LEU B 311 26.02 7.62 -15.67
CA LEU B 311 25.30 8.73 -15.08
C LEU B 311 25.90 9.05 -13.72
N ASN B 312 26.42 10.26 -13.58
CA ASN B 312 26.75 10.77 -12.25
C ASN B 312 25.43 11.03 -11.56
N MET B 313 25.11 10.19 -10.57
CA MET B 313 23.92 10.42 -9.77
C MET B 313 24.03 11.66 -8.92
N THR B 314 25.24 12.05 -8.53
CA THR B 314 25.44 13.20 -7.67
C THR B 314 25.33 14.53 -8.40
N SER B 315 25.52 14.55 -9.71
CA SER B 315 25.42 15.78 -10.47
C SER B 315 24.43 15.71 -11.61
N ALA B 316 23.72 14.58 -11.78
CA ALA B 316 22.75 14.35 -12.85
C ALA B 316 23.38 14.54 -14.23
N LYS B 317 24.53 13.90 -14.44
CA LYS B 317 25.30 14.07 -15.65
C LYS B 317 25.78 12.73 -16.16
N ILE B 318 25.61 12.50 -17.46
CA ILE B 318 26.13 11.31 -18.12
C ILE B 318 27.36 11.67 -18.91
N ILE B 319 28.48 11.00 -18.62
CA ILE B 319 29.72 11.19 -19.37
C ILE B 319 30.13 9.84 -19.94
N SER B 320 30.33 9.80 -21.25
CA SER B 320 30.76 8.59 -21.93
C SER B 320 32.27 8.48 -21.88
N PHE B 321 32.77 7.27 -22.08
CA PHE B 321 34.20 6.98 -21.92
C PHE B 321 34.65 5.91 -22.89
N LEU B 322 35.68 6.23 -23.66
CA LEU B 322 36.34 5.22 -24.47
C LEU B 322 37.06 4.22 -23.58
N LEU B 323 36.91 2.95 -23.89
CA LEU B 323 37.52 1.91 -23.07
C LEU B 323 38.61 1.20 -23.85
N PRO B 324 39.87 1.32 -23.42
CA PRO B 324 40.90 0.46 -23.97
C PRO B 324 40.64 -0.98 -23.62
N PRO B 325 41.05 -1.92 -24.48
CA PRO B 325 40.51 -3.29 -24.38
C PRO B 325 41.01 -4.11 -23.21
N ASP B 326 41.79 -3.52 -22.30
CA ASP B 326 42.29 -4.26 -21.16
C ASP B 326 42.41 -3.41 -19.90
N GLU B 327 41.65 -2.33 -19.78
CA GLU B 327 41.76 -1.48 -18.60
C GLU B 327 41.05 -2.13 -17.43
N SER B 328 41.71 -2.18 -16.28
CA SER B 328 41.07 -2.68 -15.08
C SER B 328 40.07 -1.66 -14.57
N LEU B 329 39.18 -2.13 -13.69
CA LEU B 329 38.15 -1.27 -13.14
C LEU B 329 38.75 -0.23 -12.20
N HIS B 330 39.91 -0.54 -11.61
CA HIS B 330 40.55 0.39 -10.70
C HIS B 330 41.16 1.57 -11.44
N SER B 331 41.80 1.30 -12.57
CA SER B 331 42.32 2.38 -13.40
C SER B 331 41.19 3.16 -14.04
N LEU B 332 40.05 2.51 -14.26
CA LEU B 332 38.85 3.24 -14.64
C LEU B 332 38.40 4.18 -13.54
N GLN B 333 38.49 3.72 -12.29
CA GLN B 333 38.18 4.59 -11.15
C GLN B 333 39.17 5.73 -11.05
N SER B 334 40.40 5.51 -11.52
CA SER B 334 41.35 6.62 -11.64
C SER B 334 40.92 7.58 -12.75
N ARG B 335 40.33 7.05 -13.82
CA ARG B 335 39.91 7.89 -14.93
C ARG B 335 38.73 8.77 -14.56
N ILE B 336 37.73 8.18 -13.91
CA ILE B 336 36.58 8.92 -13.42
C ILE B 336 37.01 9.81 -12.26
N GLU B 337 38.03 9.38 -11.53
CA GLU B 337 38.58 10.17 -10.45
C GLU B 337 39.18 11.46 -10.97
N ARG B 338 39.97 11.36 -12.04
CA ARG B 338 40.52 12.56 -12.69
C ARG B 338 39.43 13.35 -13.38
N GLU B 339 38.38 12.68 -13.83
CA GLU B 339 37.32 13.36 -14.55
C GLU B 339 36.47 14.22 -13.64
N THR B 340 36.06 13.67 -12.50
CA THR B 340 35.05 14.26 -11.65
C THR B 340 35.61 14.85 -10.36
N GLY B 341 36.81 14.45 -9.97
CA GLY B 341 37.38 14.86 -8.70
C GLY B 341 36.98 13.99 -7.54
N ILE B 342 36.09 13.03 -7.76
CA ILE B 342 35.59 12.17 -6.70
C ILE B 342 36.65 11.12 -6.39
N ASN B 343 37.11 11.10 -5.14
CA ASN B 343 38.12 10.16 -4.68
C ASN B 343 37.61 8.72 -4.78
N THR B 344 38.50 7.80 -5.17
CA THR B 344 38.14 6.39 -5.37
C THR B 344 37.69 5.70 -4.09
N GLY B 345 38.17 6.15 -2.93
CA GLY B 345 37.64 5.65 -1.68
C GLY B 345 36.21 6.05 -1.42
N SER B 346 35.77 7.15 -2.04
CA SER B 346 34.40 7.64 -1.92
C SER B 346 33.59 7.41 -3.19
N GLN B 347 34.26 7.26 -4.32
CA GLN B 347 33.64 6.84 -5.58
C GLN B 347 33.00 5.48 -5.41
N GLU B 348 31.68 5.40 -5.55
CA GLU B 348 30.96 4.15 -5.43
C GLU B 348 30.15 3.88 -6.69
N LEU B 349 30.26 2.66 -7.21
CA LEU B 349 29.63 2.27 -8.46
C LEU B 349 28.94 0.93 -8.28
N LEU B 350 27.82 0.73 -8.98
CA LEU B 350 27.04 -0.48 -8.84
C LEU B 350 26.20 -0.67 -10.09
N SER B 351 25.62 -1.87 -10.22
CA SER B 351 25.01 -2.28 -11.47
C SER B 351 23.70 -1.56 -11.71
N GLU B 352 23.20 -1.72 -12.93
CA GLU B 352 21.83 -1.35 -13.27
C GLU B 352 20.83 -2.09 -12.42
N THR B 353 21.11 -3.34 -12.06
CA THR B 353 20.27 -4.12 -11.18
C THR B 353 20.68 -3.98 -9.72
N GLY B 354 21.58 -3.06 -9.42
CA GLY B 354 21.92 -2.78 -8.04
C GLY B 354 22.94 -3.70 -7.43
N ILE B 355 23.95 -4.11 -8.18
CA ILE B 355 25.00 -4.99 -7.68
C ILE B 355 26.31 -4.22 -7.78
N SER B 356 27.05 -4.15 -6.68
CA SER B 356 28.29 -3.39 -6.64
C SER B 356 29.34 -4.02 -7.55
N LEU B 357 30.03 -3.16 -8.30
CA LEU B 357 30.95 -3.63 -9.33
C LEU B 357 32.21 -4.21 -8.70
N ASP B 358 32.56 -5.41 -9.14
CA ASP B 358 33.74 -6.14 -8.70
C ASP B 358 34.98 -5.38 -9.16
N PRO B 359 35.84 -4.96 -8.23
CA PRO B 359 37.12 -4.36 -8.64
C PRO B 359 38.06 -5.34 -9.32
N ARG B 360 37.85 -6.64 -9.14
CA ARG B 360 38.68 -7.64 -9.78
C ARG B 360 38.39 -7.83 -11.26
N LYS B 361 37.30 -7.27 -11.76
CA LYS B 361 36.94 -7.36 -13.16
C LYS B 361 37.54 -6.20 -13.95
N PRO B 362 37.57 -6.29 -15.29
CA PRO B 362 37.85 -5.08 -16.06
C PRO B 362 36.58 -4.29 -16.34
N MET B 378 24.66 0.85 -18.19
CA MET B 378 24.93 2.16 -17.63
C MET B 378 24.95 2.13 -16.09
N VAL B 379 26.14 2.17 -15.51
CA VAL B 379 26.29 2.11 -14.07
C VAL B 379 26.31 3.53 -13.53
N TYR B 380 26.14 3.63 -12.22
CA TYR B 380 25.68 4.84 -11.57
C TYR B 380 26.63 5.25 -10.45
N LEU B 381 26.97 6.54 -10.41
CA LEU B 381 28.07 7.03 -9.61
C LEU B 381 27.58 7.57 -8.28
N PHE B 382 28.16 7.05 -7.19
CA PHE B 382 27.88 7.51 -5.85
C PHE B 382 29.14 8.02 -5.17
N ASP B 383 28.96 9.07 -4.38
CA ASP B 383 30.02 9.66 -3.58
C ASP B 383 29.78 9.23 -2.14
N LYS B 384 30.68 8.39 -1.61
CA LYS B 384 30.51 7.92 -0.24
C LYS B 384 30.78 9.02 0.77
N SER B 385 31.82 9.83 0.53
CA SER B 385 32.20 10.87 1.47
C SER B 385 31.22 12.04 1.52
N LYS B 386 30.29 12.12 0.60
CA LYS B 386 29.28 13.18 0.61
C LYS B 386 27.94 12.57 1.00
N THR B 387 27.28 13.19 1.98
CA THR B 387 26.04 12.65 2.52
C THR B 387 24.81 13.22 1.85
N VAL B 388 24.55 14.52 2.02
CA VAL B 388 23.36 15.16 1.50
C VAL B 388 23.67 15.64 0.09
N TYR B 389 22.86 15.23 -0.86
CA TYR B 389 23.06 15.61 -2.25
C TYR B 389 22.09 16.74 -2.56
N GLU B 390 22.60 17.78 -3.20
CA GLU B 390 21.78 18.93 -3.52
C GLU B 390 20.95 18.66 -4.78
N GLY B 391 20.31 19.72 -5.28
CA GLY B 391 19.55 19.69 -6.50
C GLY B 391 20.39 19.38 -7.74
N PRO B 392 19.71 19.23 -8.87
CA PRO B 392 20.37 18.71 -10.06
C PRO B 392 21.30 19.73 -10.71
N PHE B 393 22.37 19.20 -11.27
CA PHE B 393 23.28 19.99 -12.09
C PHE B 393 23.13 19.49 -13.52
N ALA B 394 21.90 19.22 -13.91
CA ALA B 394 21.57 18.77 -15.27
C ALA B 394 21.12 20.00 -16.05
N SER B 395 22.08 20.62 -16.73
CA SER B 395 21.73 21.69 -17.64
C SER B 395 21.03 21.11 -18.86
N ARG B 396 19.83 21.60 -19.13
CA ARG B 396 18.99 21.09 -20.20
C ARG B 396 18.66 22.25 -21.14
N SER B 397 19.50 22.46 -22.16
CA SER B 397 19.39 23.68 -22.96
C SER B 397 18.24 23.63 -23.95
N LEU B 398 17.97 24.78 -24.56
CA LEU B 398 16.99 24.91 -25.62
C LEU B 398 17.62 25.68 -26.77
N SER B 399 17.05 25.56 -27.96
CA SER B 399 17.60 26.30 -29.08
C SER B 399 17.05 27.72 -29.07
N ASP B 400 17.73 28.59 -29.83
CA ASP B 400 17.32 30.00 -29.91
C ASP B 400 16.00 30.15 -30.64
N CYS B 401 15.63 29.17 -31.45
CA CYS B 401 14.26 29.10 -31.96
C CYS B 401 13.29 28.77 -30.83
N VAL B 402 13.64 27.78 -30.00
CA VAL B 402 12.81 27.42 -28.86
C VAL B 402 12.79 28.54 -27.83
N ASN B 403 13.95 29.18 -27.62
CA ASN B 403 14.00 30.34 -26.74
C ASN B 403 13.22 31.51 -27.34
N TYR B 404 13.16 31.59 -28.66
CA TYR B 404 12.34 32.59 -29.34
C TYR B 404 10.85 32.32 -29.12
N ILE B 405 10.49 31.05 -28.97
CA ILE B 405 9.12 30.70 -28.60
C ILE B 405 8.86 31.00 -27.13
N VAL B 406 9.89 30.85 -26.29
CA VAL B 406 9.81 31.25 -24.89
C VAL B 406 9.57 32.76 -24.79
N GLN B 407 10.17 33.53 -25.70
CA GLN B 407 9.89 34.95 -25.76
C GLN B 407 8.47 35.22 -26.21
N ASP B 408 8.04 34.61 -27.32
CA ASP B 408 6.64 34.74 -27.74
C ASP B 408 6.30 33.48 -28.55
N SER B 409 5.36 32.69 -28.01
CA SER B 409 4.86 31.50 -28.69
C SER B 409 3.81 31.82 -29.73
N LYS B 410 3.30 33.05 -29.76
CA LYS B 410 2.15 33.43 -30.57
C LYS B 410 2.53 34.12 -31.87
N ILE B 411 3.80 34.09 -32.25
CA ILE B 411 4.23 34.67 -33.52
C ILE B 411 3.81 33.73 -34.64
N GLN B 412 3.26 34.28 -35.71
CA GLN B 412 2.67 33.49 -36.79
C GLN B 412 3.66 33.36 -37.93
N LEU B 413 4.46 32.29 -37.86
CA LEU B 413 5.61 31.82 -38.62
C LEU B 413 5.28 30.55 -39.41
N PRO B 414 5.98 30.29 -40.51
CA PRO B 414 5.63 29.12 -41.34
C PRO B 414 5.98 27.79 -40.68
N ILE B 415 5.31 26.74 -41.16
CA ILE B 415 5.39 25.40 -40.58
C ILE B 415 6.73 24.73 -40.81
N ILE B 416 7.53 25.24 -41.75
CA ILE B 416 8.88 24.76 -41.99
C ILE B 416 9.71 24.91 -40.72
N GLN B 417 9.55 26.04 -40.04
CA GLN B 417 10.09 26.18 -38.70
C GLN B 417 9.35 25.31 -37.71
N LEU B 418 8.02 25.29 -37.79
CA LEU B 418 7.20 24.84 -36.67
C LEU B 418 7.34 23.35 -36.40
N ARG B 419 7.43 22.54 -37.46
CA ARG B 419 7.58 21.10 -37.27
C ARG B 419 8.94 20.79 -36.66
N LYS B 420 9.97 21.52 -37.09
CA LYS B 420 11.31 21.35 -36.55
C LYS B 420 11.37 21.75 -35.08
N VAL B 421 10.86 22.93 -34.76
CA VAL B 421 10.98 23.48 -33.41
C VAL B 421 10.12 22.69 -32.44
N TRP B 422 8.92 22.30 -32.87
CA TRP B 422 8.06 21.56 -31.97
C TRP B 422 8.58 20.14 -31.78
N ALA B 423 9.21 19.59 -32.82
CA ALA B 423 9.92 18.33 -32.67
C ALA B 423 11.05 18.45 -31.67
N GLU B 424 11.72 19.60 -31.64
CA GLU B 424 12.73 19.84 -30.62
C GLU B 424 12.10 19.95 -29.24
N ALA B 425 10.87 20.44 -29.16
CA ALA B 425 10.22 20.60 -27.88
C ALA B 425 9.84 19.26 -27.28
N VAL B 426 9.16 18.42 -28.07
CA VAL B 426 8.75 17.11 -27.60
C VAL B 426 9.98 16.24 -27.38
N HIS B 427 10.99 16.44 -28.22
CA HIS B 427 12.32 15.88 -28.04
C HIS B 427 12.88 16.21 -26.66
N TYR B 428 12.75 17.49 -26.28
CA TYR B 428 13.28 17.96 -25.01
C TYR B 428 12.53 17.33 -23.84
N VAL B 429 11.20 17.27 -23.95
CA VAL B 429 10.38 16.75 -22.87
C VAL B 429 10.61 15.25 -22.68
N SER B 430 10.67 14.51 -23.78
CA SER B 430 10.97 13.08 -23.72
C SER B 430 12.35 12.82 -23.15
N GLY B 431 13.30 13.71 -23.49
CA GLY B 431 14.61 13.63 -22.85
C GLY B 431 14.53 13.80 -21.35
N LEU B 432 13.67 14.72 -20.88
CA LEU B 432 13.48 14.88 -19.44
C LEU B 432 12.83 13.64 -18.82
N LYS B 433 11.95 12.99 -19.58
CA LYS B 433 11.31 11.77 -19.09
C LYS B 433 12.32 10.66 -18.91
N GLU B 434 13.22 10.49 -19.87
CA GLU B 434 14.26 9.48 -19.72
C GLU B 434 15.25 9.85 -18.64
N ASP B 435 15.43 11.15 -18.39
CA ASP B 435 16.26 11.57 -17.27
C ASP B 435 15.69 11.08 -15.95
N TYR B 436 14.40 11.37 -15.72
CA TYR B 436 13.76 10.88 -14.50
C TYR B 436 13.69 9.37 -14.47
N SER B 437 13.60 8.74 -15.64
CA SER B 437 13.54 7.30 -15.71
C SER B 437 14.84 6.67 -15.24
N ARG B 438 15.97 7.21 -15.70
CA ARG B 438 17.26 6.66 -15.31
C ARG B 438 17.57 6.97 -13.85
N LEU B 439 17.15 8.16 -13.38
CA LEU B 439 17.34 8.49 -11.96
C LEU B 439 16.48 7.59 -11.08
N PHE B 440 15.29 7.26 -11.56
CA PHE B 440 14.40 6.32 -10.90
C PHE B 440 15.06 4.95 -10.82
N GLN B 441 15.75 4.56 -11.89
CA GLN B 441 16.50 3.31 -11.90
C GLN B 441 17.61 3.29 -10.86
N GLY B 442 18.39 4.37 -10.80
CA GLY B 442 19.49 4.41 -9.84
C GLY B 442 19.02 4.44 -8.41
N GLN B 443 17.86 5.07 -8.18
CA GLN B 443 17.25 5.04 -6.86
C GLN B 443 16.84 3.63 -6.47
N ARG B 444 16.17 2.93 -7.39
CA ARG B 444 15.74 1.56 -7.10
C ARG B 444 16.92 0.65 -6.87
N ALA B 445 17.99 0.84 -7.66
CA ALA B 445 19.17 0.00 -7.55
C ALA B 445 19.88 0.23 -6.24
N ALA B 446 19.95 1.50 -5.81
CA ALA B 446 20.54 1.82 -4.52
C ALA B 446 19.71 1.23 -3.39
N MET B 447 18.40 1.19 -3.57
CA MET B 447 17.55 0.57 -2.57
C MET B 447 17.77 -0.94 -2.54
N LEU B 448 18.09 -1.53 -3.69
CA LEU B 448 18.41 -2.95 -3.74
C LEU B 448 19.71 -3.25 -2.99
N SER B 449 20.72 -2.40 -3.18
CA SER B 449 21.96 -2.52 -2.42
C SER B 449 21.71 -2.39 -0.93
N LEU B 450 20.79 -1.49 -0.57
CA LEU B 450 20.41 -1.34 0.84
C LEU B 450 19.76 -2.61 1.36
N LEU B 451 19.00 -3.30 0.50
CA LEU B 451 18.39 -4.55 0.90
C LEU B 451 19.44 -5.64 1.10
N ARG B 452 20.47 -5.64 0.26
CA ARG B 452 21.52 -6.65 0.41
C ARG B 452 22.30 -6.44 1.70
N TYR B 453 22.59 -5.17 2.00
CA TYR B 453 23.23 -4.81 3.27
C TYR B 453 22.34 -5.19 4.44
N ASN B 454 21.03 -5.02 4.27
CA ASN B 454 20.08 -5.43 5.30
C ASN B 454 20.10 -6.94 5.49
N ALA B 455 20.30 -7.68 4.38
CA ALA B 455 20.30 -9.13 4.46
C ALA B 455 21.52 -9.64 5.21
N ASN B 456 22.69 -9.04 4.92
CA ASN B 456 23.89 -9.38 5.66
C ASN B 456 23.75 -8.99 7.13
N LEU B 457 23.03 -7.90 7.38
CA LEU B 457 22.77 -7.46 8.74
C LEU B 457 21.89 -8.46 9.49
N THR B 458 20.95 -9.08 8.79
CA THR B 458 20.10 -10.09 9.42
C THR B 458 20.88 -11.38 9.66
N LYS B 459 21.79 -11.72 8.76
CA LYS B 459 22.60 -12.91 8.95
C LYS B 459 23.52 -12.77 10.15
N MET B 460 24.18 -11.61 10.26
CA MET B 460 25.04 -11.36 11.41
C MET B 460 24.21 -11.18 12.68
N LYS B 461 22.96 -10.74 12.52
CA LYS B 461 22.03 -10.67 13.63
C LYS B 461 21.78 -12.07 14.21
N ASN B 462 21.38 -13.00 13.34
CA ASN B 462 21.05 -14.35 13.79
C ASN B 462 22.27 -15.05 14.35
N THR B 463 23.42 -14.83 13.71
CA THR B 463 24.68 -15.39 14.21
C THR B 463 25.00 -14.82 15.59
N LEU B 464 24.73 -13.53 15.78
CA LEU B 464 25.08 -12.86 17.01
C LEU B 464 24.20 -13.30 18.16
N ILE B 465 22.89 -13.31 17.93
CA ILE B 465 21.95 -13.73 18.96
C ILE B 465 22.18 -15.19 19.33
N SER B 466 22.35 -16.03 18.30
CA SER B 466 22.56 -17.45 18.49
C SER B 466 23.82 -17.72 19.29
N ALA B 467 24.99 -17.35 18.77
CA ALA B 467 26.26 -17.66 19.41
C ALA B 467 26.41 -16.92 20.73
N SER B 468 25.74 -15.79 20.86
CA SER B 468 25.75 -15.06 22.12
C SER B 468 25.03 -15.83 23.21
N GLN B 469 23.84 -16.34 22.93
CA GLN B 469 23.15 -17.15 23.93
C GLN B 469 23.84 -18.48 24.16
N GLN B 470 24.55 -18.97 23.13
CA GLN B 470 25.45 -20.11 23.32
C GLN B 470 26.50 -19.79 24.36
N LEU B 471 27.09 -18.60 24.27
CA LEU B 471 28.09 -18.17 25.23
C LEU B 471 27.49 -18.05 26.62
N LYS B 472 26.26 -17.55 26.70
CA LYS B 472 25.58 -17.38 27.98
C LYS B 472 25.34 -18.72 28.66
N ALA B 473 24.88 -19.70 27.88
CA ALA B 473 24.61 -21.02 28.44
C ALA B 473 25.90 -21.70 28.87
N LYS B 474 26.96 -21.53 28.08
CA LYS B 474 28.26 -22.07 28.46
C LYS B 474 28.78 -21.42 29.73
N LEU B 475 28.48 -20.12 29.91
CA LEU B 475 28.82 -19.45 31.16
C LEU B 475 28.09 -20.06 32.34
N GLU B 476 26.77 -20.27 32.19
CA GLU B 476 25.96 -20.82 33.27
C GLU B 476 26.43 -22.19 33.69
N PHE B 477 26.53 -23.10 32.71
CA PHE B 477 26.96 -24.47 32.94
C PHE B 477 28.37 -24.51 33.52
N PHE B 478 29.23 -23.62 33.03
CA PHE B 478 30.62 -23.58 33.47
C PHE B 478 30.72 -23.18 34.94
N HIS B 479 30.05 -22.09 35.33
CA HIS B 479 30.26 -21.62 36.69
C HIS B 479 29.54 -22.51 37.69
N LYS B 480 28.41 -23.10 37.30
CA LYS B 480 27.78 -24.07 38.20
C LYS B 480 28.67 -25.29 38.39
N SER B 481 29.34 -25.69 37.30
CA SER B 481 30.29 -26.79 37.34
C SER B 481 31.41 -26.50 38.32
N ILE B 482 32.05 -25.32 38.19
CA ILE B 482 33.17 -25.02 39.05
C ILE B 482 32.69 -24.68 40.46
N GLN B 483 31.42 -24.33 40.63
CA GLN B 483 30.87 -24.18 41.98
C GLN B 483 30.82 -25.52 42.69
N LEU B 484 30.33 -26.55 42.00
CA LEU B 484 30.37 -27.90 42.55
C LEU B 484 31.80 -28.35 42.80
N ASP B 485 32.71 -27.97 41.90
CA ASP B 485 34.10 -28.39 42.02
C ASP B 485 34.79 -27.69 43.18
N LEU B 486 34.38 -26.47 43.49
CA LEU B 486 34.95 -25.77 44.64
C LEU B 486 34.35 -26.26 45.93
N GLU B 487 33.10 -26.74 45.88
CA GLU B 487 32.51 -27.34 47.06
C GLU B 487 33.23 -28.63 47.43
N ARG B 488 33.39 -29.53 46.47
CA ARG B 488 34.06 -30.79 46.78
C ARG B 488 35.55 -30.60 47.01
N TYR B 489 36.17 -29.70 46.25
CA TYR B 489 37.60 -29.42 46.41
C TYR B 489 37.86 -28.77 47.75
N SER B 490 36.93 -27.92 48.19
CA SER B 490 36.99 -27.37 49.52
C SER B 490 36.78 -28.44 50.57
N GLU B 491 35.99 -29.47 50.26
CA GLU B 491 35.85 -30.58 51.19
C GLU B 491 37.11 -31.42 51.26
N GLN B 492 37.92 -31.39 50.20
CA GLN B 492 39.15 -32.16 50.26
C GLN B 492 40.27 -31.34 50.89
N MET B 493 40.21 -30.02 50.76
CA MET B 493 41.08 -29.17 51.58
C MET B 493 40.68 -29.27 53.03
N THR B 494 39.39 -29.50 53.29
CA THR B 494 38.93 -29.85 54.64
C THR B 494 39.50 -31.19 55.07
N TYR B 495 39.70 -32.10 54.12
CA TYR B 495 40.31 -33.38 54.42
C TYR B 495 41.83 -33.33 54.45
N GLY B 496 42.41 -32.14 54.30
CA GLY B 496 43.86 -32.03 54.25
C GLY B 496 44.46 -32.60 52.98
N ILE B 497 43.78 -32.44 51.85
CA ILE B 497 44.23 -33.04 50.60
C ILE B 497 44.57 -31.96 49.60
N SER B 498 43.65 -31.00 49.43
CA SER B 498 43.76 -30.03 48.36
C SER B 498 44.83 -28.98 48.63
N SER B 499 45.25 -28.31 47.57
CA SER B 499 46.18 -27.19 47.65
C SER B 499 45.45 -25.89 47.32
N GLU B 500 45.89 -24.82 47.97
CA GLU B 500 45.20 -23.54 47.87
C GLU B 500 45.52 -22.79 46.60
N LYS B 501 46.58 -23.19 45.89
CA LYS B 501 47.00 -22.44 44.72
C LYS B 501 46.02 -22.62 43.58
N MET B 502 45.58 -23.86 43.35
CA MET B 502 44.58 -24.10 42.33
C MET B 502 43.21 -23.67 42.81
N LEU B 503 43.02 -23.61 44.12
CA LEU B 503 41.80 -23.03 44.68
C LEU B 503 41.65 -21.57 44.28
N LYS B 504 42.68 -20.77 44.58
CA LYS B 504 42.67 -19.36 44.26
C LYS B 504 42.67 -19.14 42.75
N ALA B 505 43.36 -20.02 42.03
CA ALA B 505 43.39 -19.94 40.58
C ALA B 505 42.01 -20.17 39.99
N TRP B 506 41.27 -21.17 40.51
CA TRP B 506 39.94 -21.44 39.99
C TRP B 506 38.95 -20.36 40.41
N LYS B 507 39.20 -19.73 41.56
CA LYS B 507 38.36 -18.59 41.93
C LYS B 507 38.62 -17.41 41.01
N GLU B 508 39.86 -17.27 40.54
CA GLU B 508 40.14 -16.28 39.50
C GLU B 508 39.48 -16.65 38.19
N MET B 509 39.39 -17.95 37.88
CA MET B 509 38.68 -18.40 36.70
C MET B 509 37.21 -18.03 36.78
N GLU B 510 36.62 -18.22 37.96
CA GLU B 510 35.23 -17.87 38.18
C GLU B 510 35.00 -16.37 38.06
N GLU B 511 35.93 -15.59 38.63
CA GLU B 511 35.81 -14.15 38.59
C GLU B 511 35.91 -13.62 37.16
N LYS B 512 36.82 -14.19 36.38
CA LYS B 512 36.93 -13.78 34.98
C LYS B 512 35.73 -14.24 34.17
N ALA B 513 35.11 -15.35 34.58
CA ALA B 513 33.88 -15.78 33.93
C ALA B 513 32.75 -14.80 34.20
N ILE B 514 32.65 -14.33 35.43
CA ILE B 514 31.63 -13.34 35.79
C ILE B 514 31.94 -12.01 35.11
N HIS B 515 33.23 -11.75 34.84
CA HIS B 515 33.63 -10.57 34.07
C HIS B 515 33.10 -10.63 32.64
N TYR B 516 32.82 -11.82 32.13
CA TYR B 516 32.38 -11.98 30.75
C TYR B 516 30.89 -11.71 30.73
N ALA B 517 30.55 -10.43 30.64
CA ALA B 517 29.18 -9.94 30.76
C ALA B 517 28.76 -9.22 29.49
N GLU B 518 28.97 -9.85 28.35
CA GLU B 518 28.68 -9.24 27.06
C GLU B 518 27.23 -9.42 26.64
N VAL B 519 26.37 -9.85 27.57
CA VAL B 519 24.97 -10.11 27.27
C VAL B 519 24.16 -8.83 27.25
N GLY B 520 24.72 -7.72 27.69
CA GLY B 520 24.01 -6.45 27.60
C GLY B 520 24.33 -5.76 26.30
N VAL B 521 25.53 -6.00 25.81
CA VAL B 521 26.00 -5.33 24.59
C VAL B 521 25.25 -5.86 23.39
N ILE B 522 24.93 -7.16 23.40
CA ILE B 522 24.13 -7.74 22.34
C ILE B 522 22.70 -7.22 22.37
N GLY B 523 22.20 -6.82 23.54
CA GLY B 523 20.88 -6.25 23.61
C GLY B 523 20.86 -4.81 23.14
N TYR B 524 21.94 -4.07 23.46
CA TYR B 524 22.02 -2.68 23.04
C TYR B 524 22.22 -2.56 21.54
N LEU B 525 23.18 -3.31 21.01
CA LEU B 525 23.42 -3.28 19.58
C LEU B 525 22.30 -4.00 18.84
N GLU B 526 21.61 -4.91 19.54
CA GLU B 526 20.36 -5.46 19.02
C GLU B 526 19.30 -4.37 18.91
N ASP B 527 19.28 -3.43 19.86
CA ASP B 527 18.37 -2.30 19.76
C ASP B 527 18.76 -1.39 18.61
N GLN B 528 20.06 -1.35 18.31
CA GLN B 528 20.49 -0.65 17.10
C GLN B 528 20.00 -1.39 15.85
N ILE B 529 19.97 -2.72 15.92
CA ILE B 529 19.53 -3.53 14.79
C ILE B 529 18.05 -3.31 14.54
N MET B 530 17.24 -3.37 15.60
CA MET B 530 15.82 -3.13 15.44
C MET B 530 15.53 -1.67 15.13
N SER B 531 16.44 -0.78 15.54
CA SER B 531 16.33 0.62 15.15
C SER B 531 16.44 0.77 13.65
N LEU B 532 17.52 0.23 13.07
CA LEU B 532 17.74 0.36 11.64
C LEU B 532 16.73 -0.45 10.85
N HIS B 533 16.28 -1.57 11.41
CA HIS B 533 15.27 -2.37 10.75
C HIS B 533 13.94 -1.63 10.71
N ALA B 534 13.63 -0.92 11.80
CA ALA B 534 12.48 -0.04 11.80
C ALA B 534 12.63 1.07 10.78
N GLU B 535 13.86 1.58 10.62
CA GLU B 535 14.11 2.66 9.67
C GLU B 535 13.91 2.19 8.23
N ILE B 536 14.41 1.01 7.90
CA ILE B 536 14.30 0.55 6.53
C ILE B 536 12.87 0.09 6.23
N MET B 537 12.16 -0.40 7.26
CA MET B 537 10.72 -0.66 7.09
C MET B 537 9.96 0.64 6.84
N GLU B 538 10.38 1.74 7.48
CA GLU B 538 9.81 3.03 7.16
C GLU B 538 10.15 3.47 5.75
N LEU B 539 11.35 3.11 5.28
CA LEU B 539 11.74 3.49 3.93
C LEU B 539 11.01 2.67 2.88
N GLN B 540 10.44 1.53 3.28
CA GLN B 540 9.63 0.75 2.35
C GLN B 540 8.37 1.49 1.94
N LYS B 541 7.75 2.21 2.87
CA LYS B 541 6.47 2.86 2.63
C LYS B 541 6.61 4.22 1.96
N SER B 542 7.73 4.51 1.32
CA SER B 542 7.98 5.82 0.77
C SER B 542 7.11 6.07 -0.47
N PRO B 543 6.58 7.28 -0.62
CA PRO B 543 5.85 7.64 -1.84
C PRO B 543 6.80 7.85 -3.00
N TYR B 544 6.29 7.64 -4.21
CA TYR B 544 7.11 7.61 -5.41
C TYR B 544 6.75 8.75 -6.34
N GLY B 545 7.77 9.34 -6.97
CA GLY B 545 7.52 10.41 -7.93
C GLY B 545 7.07 9.92 -9.30
N ARG B 546 7.07 8.60 -9.51
CA ARG B 546 6.62 8.04 -10.78
C ARG B 546 5.13 8.27 -10.99
N ARG B 547 4.39 8.51 -9.89
CA ARG B 547 3.06 9.12 -9.93
C ARG B 547 3.03 10.35 -10.83
N GLN B 548 3.98 11.27 -10.64
CA GLN B 548 4.13 12.37 -11.58
C GLN B 548 4.90 11.98 -12.83
N GLY B 549 5.55 10.81 -12.83
CA GLY B 549 6.17 10.34 -14.06
C GLY B 549 5.15 9.98 -15.11
N ASP B 550 4.02 9.42 -14.70
CA ASP B 550 2.95 9.14 -15.65
C ASP B 550 2.21 10.43 -16.01
N LEU B 551 2.29 11.43 -15.13
CA LEU B 551 1.83 12.77 -15.48
C LEU B 551 2.70 13.35 -16.58
N MET B 552 4.02 13.11 -16.51
CA MET B 552 4.92 13.49 -17.59
C MET B 552 4.61 12.71 -18.85
N GLU B 553 4.16 11.47 -18.70
CA GLU B 553 3.72 10.68 -19.84
C GLU B 553 2.48 11.29 -20.48
N SER B 554 1.59 11.83 -19.65
CA SER B 554 0.40 12.49 -20.17
C SER B 554 0.74 13.80 -20.86
N LEU B 555 1.67 14.57 -20.27
CA LEU B 555 2.09 15.83 -20.86
C LEU B 555 2.82 15.62 -22.18
N GLU B 556 3.75 14.66 -22.20
CA GLU B 556 4.43 14.30 -23.44
C GLU B 556 3.45 13.77 -24.46
N GLN B 557 2.43 13.04 -24.01
CA GLN B 557 1.44 12.49 -24.92
C GLN B 557 0.61 13.59 -25.56
N ARG B 558 0.24 14.59 -24.76
CA ARG B 558 -0.42 15.78 -25.30
C ARG B 558 0.47 16.51 -26.29
N ALA B 559 1.77 16.56 -26.00
CA ALA B 559 2.72 17.21 -26.90
C ALA B 559 2.84 16.46 -28.22
N ILE B 560 2.79 15.13 -28.15
CA ILE B 560 2.75 14.29 -29.35
C ILE B 560 1.49 14.57 -30.13
N ASP B 561 0.37 14.74 -29.44
CA ASP B 561 -0.89 14.99 -30.10
C ASP B 561 -0.90 16.35 -30.79
N LEU B 562 -0.28 17.35 -30.17
CA LEU B 562 -0.17 18.66 -30.81
C LEU B 562 0.80 18.62 -31.97
N TYR B 563 1.84 17.79 -31.88
CA TYR B 563 2.75 17.63 -32.99
C TYR B 563 2.07 16.91 -34.15
N LYS B 564 1.15 16.00 -33.84
CA LYS B 564 0.41 15.30 -34.89
C LYS B 564 -0.58 16.23 -35.55
N GLN B 565 -1.27 17.04 -34.74
CA GLN B 565 -2.21 18.01 -35.27
C GLN B 565 -1.52 19.05 -36.10
N LEU B 566 -0.27 19.39 -35.76
CA LEU B 566 0.53 20.20 -36.65
C LEU B 566 0.89 19.42 -37.90
N LYS B 567 1.21 18.14 -37.74
CA LYS B 567 1.85 17.38 -38.81
C LYS B 567 0.88 17.04 -39.93
N HIS B 568 -0.39 16.84 -39.62
CA HIS B 568 -1.39 16.55 -40.63
C HIS B 568 -1.94 17.81 -41.29
N ARG B 569 -1.46 18.97 -40.91
CA ARG B 569 -1.91 20.19 -41.55
C ARG B 569 -1.33 20.31 -42.93
N PRO B 570 -2.14 20.63 -43.93
CA PRO B 570 -1.62 21.00 -45.25
C PRO B 570 -1.05 22.41 -45.21
N SER B 571 -0.64 22.88 -46.39
CA SER B 571 0.02 24.18 -46.49
C SER B 571 -0.93 25.36 -46.28
N ASP B 572 -2.24 25.10 -46.20
CA ASP B 572 -3.20 26.16 -45.90
C ASP B 572 -3.16 26.58 -44.43
N HIS B 573 -2.48 25.82 -43.59
CA HIS B 573 -2.45 26.07 -42.15
C HIS B 573 -1.05 26.54 -41.76
N SER B 574 -0.51 27.46 -42.56
CA SER B 574 0.86 27.91 -42.50
C SER B 574 1.25 28.57 -41.17
N TYR B 575 0.29 29.20 -40.49
CA TYR B 575 0.61 30.01 -39.31
C TYR B 575 -0.13 29.44 -38.10
N SER B 576 0.55 29.37 -36.96
CA SER B 576 -0.01 28.69 -35.81
C SER B 576 0.52 29.30 -34.52
N ASP B 577 -0.10 28.90 -33.41
CA ASP B 577 0.32 29.28 -32.07
C ASP B 577 0.85 28.04 -31.36
N SER B 578 1.71 28.25 -30.37
CA SER B 578 2.35 27.17 -29.63
C SER B 578 2.38 27.38 -28.13
N THR B 579 1.34 28.02 -27.57
CA THR B 579 1.43 28.46 -26.17
C THR B 579 1.23 27.30 -25.21
N GLU B 580 0.30 26.40 -25.52
CA GLU B 580 0.00 25.29 -24.62
C GLU B 580 1.16 24.32 -24.49
N MET B 581 2.00 24.24 -25.53
CA MET B 581 3.21 23.44 -25.43
C MET B 581 4.19 24.06 -24.45
N VAL B 582 4.28 25.39 -24.44
CA VAL B 582 5.13 26.08 -23.48
C VAL B 582 4.58 25.91 -22.08
N LYS B 583 3.25 25.80 -21.96
CA LYS B 583 2.63 25.46 -20.68
C LYS B 583 3.00 24.06 -20.25
N ILE B 584 3.09 23.13 -21.20
CA ILE B 584 3.54 21.77 -20.90
C ILE B 584 5.00 21.78 -20.48
N ILE B 585 5.79 22.71 -21.02
CA ILE B 585 7.17 22.88 -20.56
C ILE B 585 7.18 23.38 -19.11
N VAL B 586 6.26 24.28 -18.79
CA VAL B 586 6.16 24.84 -17.44
C VAL B 586 5.83 23.77 -16.42
N HIS B 587 4.75 23.03 -16.66
CA HIS B 587 4.31 22.03 -15.69
C HIS B 587 5.28 20.85 -15.68
N THR B 588 5.96 20.64 -16.80
CA THR B 588 7.02 19.66 -16.90
C THR B 588 8.17 19.98 -15.95
N VAL B 589 8.69 21.21 -16.01
CA VAL B 589 9.85 21.52 -15.19
C VAL B 589 9.44 21.68 -13.73
N GLN B 590 8.18 22.08 -13.48
CA GLN B 590 7.68 22.11 -12.11
C GLN B 590 7.63 20.72 -11.50
N SER B 591 7.01 19.77 -12.23
CA SER B 591 6.90 18.41 -11.73
C SER B 591 8.25 17.73 -11.63
N GLN B 592 9.17 18.08 -12.53
CA GLN B 592 10.50 17.50 -12.50
C GLN B 592 11.27 17.99 -11.29
N ASP B 593 11.12 19.28 -10.95
CA ASP B 593 11.72 19.79 -9.74
C ASP B 593 11.11 19.12 -8.50
N ARG B 594 9.80 18.84 -8.54
CA ARG B 594 9.14 18.18 -7.43
C ARG B 594 9.68 16.77 -7.21
N VAL B 595 9.75 15.99 -8.28
CA VAL B 595 10.20 14.60 -8.15
C VAL B 595 11.69 14.54 -7.88
N LEU B 596 12.44 15.57 -8.25
CA LEU B 596 13.85 15.58 -7.88
C LEU B 596 14.03 15.92 -6.42
N LYS B 597 13.20 16.81 -5.88
CA LYS B 597 13.29 17.13 -4.47
C LYS B 597 12.90 15.93 -3.60
N GLU B 598 11.76 15.31 -3.93
CA GLU B 598 11.33 14.11 -3.21
C GLU B 598 12.34 12.99 -3.39
N LEU B 599 12.86 12.84 -4.60
CA LEU B 599 13.81 11.78 -4.93
C LEU B 599 15.10 11.94 -4.15
N PHE B 600 15.61 13.16 -4.09
CA PHE B 600 16.85 13.40 -3.38
C PHE B 600 16.66 13.28 -1.88
N GLY B 601 15.44 13.56 -1.40
CA GLY B 601 15.13 13.25 -0.02
C GLY B 601 15.18 11.75 0.26
N HIS B 602 14.62 10.95 -0.67
CA HIS B 602 14.69 9.50 -0.56
C HIS B 602 16.12 9.02 -0.49
N LEU B 603 16.91 9.33 -1.52
CA LEU B 603 18.30 8.87 -1.62
C LEU B 603 19.13 9.37 -0.45
N SER B 604 18.83 10.57 0.03
CA SER B 604 19.52 11.12 1.20
C SER B 604 19.29 10.25 2.43
N LYS B 605 18.04 9.88 2.70
CA LYS B 605 17.79 9.02 3.85
C LYS B 605 18.33 7.60 3.62
N LEU B 606 18.34 7.16 2.36
CA LEU B 606 18.82 5.81 2.04
C LEU B 606 20.31 5.69 2.29
N LEU B 607 21.08 6.65 1.81
CA LEU B 607 22.52 6.63 2.04
C LEU B 607 22.84 6.89 3.49
N GLY B 608 21.98 7.66 4.18
CA GLY B 608 22.19 7.89 5.60
C GLY B 608 22.08 6.60 6.41
N CYS B 609 20.97 5.88 6.24
CA CYS B 609 20.79 4.62 6.96
C CYS B 609 21.79 3.58 6.48
N LYS B 610 22.19 3.65 5.21
CA LYS B 610 23.22 2.77 4.69
C LYS B 610 24.54 2.99 5.42
N GLN B 611 24.90 4.25 5.61
CA GLN B 611 26.09 4.61 6.38
C GLN B 611 25.98 4.11 7.81
N LYS B 612 24.78 4.16 8.38
CA LYS B 612 24.56 3.64 9.73
C LYS B 612 24.81 2.14 9.79
N ILE B 613 24.40 1.41 8.74
CA ILE B 613 24.63 -0.03 8.69
C ILE B 613 26.11 -0.34 8.57
N ILE B 614 26.78 0.37 7.65
CA ILE B 614 28.21 0.18 7.39
C ILE B 614 29.03 0.46 8.64
N ASP B 615 28.64 1.48 9.40
CA ASP B 615 29.30 1.75 10.66
C ASP B 615 28.92 0.73 11.71
N LEU B 616 27.76 0.10 11.57
CA LEU B 616 27.31 -0.84 12.59
C LEU B 616 28.05 -2.18 12.49
N LEU B 617 28.39 -2.60 11.27
CA LEU B 617 28.96 -3.92 11.02
C LEU B 617 30.22 -4.30 11.81
N PRO B 618 31.32 -3.46 11.88
CA PRO B 618 32.54 -3.98 12.54
C PRO B 618 32.39 -4.11 14.05
N LYS B 619 31.44 -3.37 14.62
CA LYS B 619 31.11 -3.53 16.03
C LYS B 619 30.57 -4.94 16.29
N VAL B 620 29.63 -5.36 15.47
CA VAL B 620 29.03 -6.67 15.58
C VAL B 620 30.07 -7.75 15.33
N GLU B 621 30.95 -7.50 14.37
CA GLU B 621 31.96 -8.47 13.99
C GLU B 621 32.99 -8.68 15.10
N VAL B 622 33.51 -7.58 15.64
CA VAL B 622 34.54 -7.66 16.68
C VAL B 622 33.94 -8.21 17.97
N ALA B 623 32.70 -7.82 18.26
CA ALA B 623 32.02 -8.35 19.44
C ALA B 623 31.82 -9.85 19.33
N LEU B 624 31.42 -10.32 18.15
CA LEU B 624 31.24 -11.76 17.92
C LEU B 624 32.58 -12.49 18.00
N SER B 625 33.64 -11.84 17.54
CA SER B 625 34.98 -12.40 17.67
C SER B 625 35.36 -12.55 19.13
N ASN B 626 34.99 -11.58 19.96
CA ASN B 626 35.24 -11.65 21.39
C ASN B 626 34.44 -12.78 22.03
N ILE B 627 33.24 -13.03 21.49
CA ILE B 627 32.43 -14.16 21.94
C ILE B 627 33.16 -15.46 21.66
N LYS B 628 33.78 -15.58 20.48
CA LYS B 628 34.52 -16.80 20.17
C LYS B 628 35.79 -16.89 21.02
N GLU B 629 36.36 -15.74 21.38
CA GLU B 629 37.53 -15.70 22.25
C GLU B 629 37.21 -16.26 23.63
N ALA B 630 36.13 -15.77 24.25
CA ALA B 630 35.75 -16.28 25.55
C ALA B 630 35.21 -17.69 25.45
N ASP B 631 34.72 -18.07 24.26
CA ASP B 631 34.30 -19.44 24.02
C ASP B 631 35.46 -20.40 24.17
N ASN B 632 36.46 -20.28 23.29
CA ASN B 632 37.60 -21.20 23.31
C ASN B 632 38.41 -21.03 24.58
N THR B 633 38.43 -19.82 25.12
CA THR B 633 39.07 -19.54 26.39
C THR B 633 38.46 -20.37 27.51
N VAL B 634 37.14 -20.25 27.69
CA VAL B 634 36.45 -20.94 28.79
C VAL B 634 36.52 -22.46 28.62
N MET B 635 36.38 -22.95 27.39
CA MET B 635 36.47 -24.39 27.16
C MET B 635 37.87 -24.90 27.49
N PHE B 636 38.90 -24.12 27.15
CA PHE B 636 40.26 -24.47 27.53
C PHE B 636 40.43 -24.42 29.04
N MET B 637 39.73 -23.50 29.71
CA MET B 637 39.84 -23.38 31.15
C MET B 637 39.24 -24.58 31.86
N GLN B 638 38.11 -25.06 31.35
CA GLN B 638 37.46 -26.19 31.98
C GLN B 638 38.25 -27.47 31.72
N GLY B 639 38.76 -27.63 30.51
CA GLY B 639 39.61 -28.78 30.23
C GLY B 639 40.89 -28.74 31.03
N LYS B 640 41.39 -27.54 31.29
CA LYS B 640 42.53 -27.36 32.19
C LYS B 640 42.18 -27.82 33.59
N ARG B 641 40.96 -27.50 34.04
CA ARG B 641 40.52 -27.91 35.37
C ARG B 641 40.42 -29.43 35.46
N GLN B 642 39.93 -30.05 34.37
CA GLN B 642 39.92 -31.50 34.24
C GLN B 642 41.30 -32.08 34.44
N LYS B 643 42.26 -31.63 33.61
CA LYS B 643 43.61 -32.18 33.59
C LYS B 643 44.30 -32.02 34.94
N GLU B 644 44.05 -30.89 35.61
CA GLU B 644 44.57 -30.69 36.96
C GLU B 644 44.01 -31.71 37.93
N ILE B 645 42.71 -32.02 37.80
CA ILE B 645 42.13 -33.07 38.63
C ILE B 645 42.75 -34.42 38.30
N TRP B 646 43.13 -34.63 37.03
CA TRP B 646 43.86 -35.84 36.68
C TRP B 646 45.26 -35.85 37.28
N HIS B 647 45.86 -34.67 37.46
CA HIS B 647 47.17 -34.61 38.11
C HIS B 647 47.06 -34.99 39.57
N LEU B 648 46.06 -34.45 40.28
CA LEU B 648 45.88 -34.84 41.67
C LEU B 648 45.47 -36.31 41.77
N LEU B 649 44.80 -36.81 40.73
CA LEU B 649 44.48 -38.23 40.66
C LEU B 649 45.73 -39.09 40.60
N LYS B 650 46.63 -38.80 39.67
CA LYS B 650 47.82 -39.63 39.54
C LYS B 650 48.78 -39.44 40.70
N ILE B 651 48.74 -38.26 41.34
CA ILE B 651 49.55 -38.05 42.53
C ILE B 651 48.99 -38.87 43.69
N ALA B 652 47.67 -38.96 43.79
CA ALA B 652 47.07 -39.83 44.80
C ALA B 652 47.28 -41.30 44.46
N CYS B 653 47.43 -41.61 43.18
CA CYS B 653 47.78 -42.96 42.76
C CYS B 653 49.22 -43.28 43.13
N THR B 654 50.08 -42.24 43.14
CA THR B 654 51.47 -42.45 43.51
C THR B 654 51.59 -42.76 45.01
N GLN B 655 50.87 -42.01 45.82
CA GLN B 655 50.93 -42.17 47.26
C GLN B 655 50.10 -43.38 47.69
#